data_6FAT
#
_entry.id   6FAT
#
_cell.length_a   67.536
_cell.length_b   87.467
_cell.length_c   106.565
_cell.angle_alpha   90.00
_cell.angle_beta   106.18
_cell.angle_gamma   90.00
#
_symmetry.space_group_name_H-M   'P 1 21 1'
#
loop_
_entity.id
_entity.type
_entity.pdbx_description
1 polymer 'Carboxylic ester hydrolase'
2 branched beta-D-mannopyranose-(1-4)-2-acetamido-2-deoxy-beta-D-glucopyranose-(1-4)-2-acetamido-2-deoxy-beta-D-glucopyranose
3 branched alpha-D-mannopyranose-(1-3)-alpha-D-mannopyranose-(1-6)-beta-D-mannopyranose-(1-4)-2-acetamido-2-deoxy-beta-D-glucopyranose-(1-4)-2-acetamido-2-deoxy-beta-D-glucopyranose
4 branched 2-acetamido-2-deoxy-beta-D-glucopyranose-(1-4)-2-acetamido-2-deoxy-beta-D-glucopyranose
5 branched alpha-D-mannopyranose-(1-2)-alpha-D-mannopyranose-(1-2)-alpha-D-mannopyranose-(1-3)-[alpha-D-mannopyranose-(1-6)]beta-D-mannopyranose-(1-4)-2-acetamido-2-deoxy-beta-D-glucopyranose-(1-4)-2-acetamido-2-deoxy-beta-D-glucopyranose
6 branched alpha-D-mannopyranose-(1-2)-alpha-D-mannopyranose-(1-2)-[alpha-D-mannopyranose-(1-6)]alpha-D-mannopyranose-(1-3)-[alpha-D-mannopyranose-(1-2)-alpha-D-mannopyranose-(1-6)-[alpha-D-mannopyranose-(1-3)]alpha-D-mannopyranose-(1-6)]beta-D-mannopyranose-(1-4)-2-acetamido-2-deoxy-beta-D-glucopyranose-(1-4)-2-acetamido-2-deoxy-beta-D-glucopyranose
7 non-polymer 2-acetamido-2-deoxy-beta-D-glucopyranose
8 non-polymer 'CALCIUM ION'
9 water water
#
_entity_poly.entity_id   1
_entity_poly.type   'polypeptide(L)'
_entity_poly.pdbx_seq_one_letter_code
;DFAAKCAGFKTSLKLPNTKVWFTEHVPAGKNITFPDNHPTCTPKSTITDVEICRVAMFVTTGPKSNLTLEAWLPSNWTGR
FLSTGNGGMAGCIQYDDVAYGAGFGFATVGANNGHNGTSAVSMYKNSGVVEDYVYRSVHTGTVLGKELTKKFYGKKHTKS
YYLGCSTGGRQGWKEAQSFPDDFDGIVAGAPAMRFNGLQSRSGSFWGITGPPGAPTHLSPEEWAMVQKNVLVQCDEPLDG
VADGILEDPNLCQYRPEALVCSKGQTKNCLTGPQIETVRKVFGPLYGNNGTYIYPRIPPGADQGFGFAIGEQPFPYSTEW
FQYVIWNDTKWDPNTIGPNDYQKASEVNPFNVETWEGDLSKFRKRGSKIIHWHGLEDGLISSDNSMEYYNHVSATMGLSN
TELDEFYRYFRVSGCGHCSGGIGANRIGNNRANLGGKEAKNNVLLALVKWVEEGQAPETITGVRYVNGATTGKVEVERRH
CRYPYRNVWDRKGNYKNPDSWKCELPLEQKLISEEDLNSAVDHHHHHH
;
_entity_poly.pdbx_strand_id   A,B
#
# COMPACT_ATOMS: atom_id res chain seq x y z
N ASP A 1 -47.43 -9.20 -40.65
CA ASP A 1 -46.19 -8.37 -40.79
C ASP A 1 -45.83 -7.65 -39.50
N PHE A 2 -44.59 -7.19 -39.41
CA PHE A 2 -44.02 -6.66 -38.18
C PHE A 2 -44.59 -5.31 -37.75
N ALA A 3 -44.84 -4.42 -38.71
CA ALA A 3 -45.39 -3.09 -38.43
C ALA A 3 -46.79 -3.14 -37.82
N ALA A 4 -47.61 -4.08 -38.27
CA ALA A 4 -48.96 -4.28 -37.74
C ALA A 4 -48.95 -4.80 -36.30
N LYS A 5 -48.02 -5.72 -36.00
CA LYS A 5 -47.83 -6.24 -34.64
C LYS A 5 -47.44 -5.12 -33.66
N CYS A 6 -46.49 -4.30 -34.08
CA CYS A 6 -45.95 -3.23 -33.23
C CYS A 6 -46.98 -2.14 -32.90
N ALA A 7 -47.78 -1.74 -33.89
CA ALA A 7 -48.83 -0.72 -33.69
C ALA A 7 -49.94 -1.21 -32.75
N GLY A 8 -50.39 -2.45 -32.95
CA GLY A 8 -51.42 -3.06 -32.11
C GLY A 8 -51.01 -3.43 -30.69
N PHE A 9 -49.69 -3.56 -30.46
CA PHE A 9 -49.14 -3.92 -29.14
C PHE A 9 -49.38 -2.86 -28.06
N LYS A 10 -49.53 -1.60 -28.48
CA LYS A 10 -49.81 -0.47 -27.58
C LYS A 10 -51.02 -0.71 -26.67
N THR A 11 -52.17 -1.03 -27.27
CA THR A 11 -53.43 -1.20 -26.54
C THR A 11 -53.52 -2.50 -25.75
N SER A 12 -52.98 -3.59 -26.30
CA SER A 12 -53.04 -4.91 -25.67
C SER A 12 -52.15 -5.04 -24.42
N LEU A 13 -50.95 -4.44 -24.47
CA LEU A 13 -50.00 -4.49 -23.36
C LEU A 13 -50.51 -3.70 -22.15
N LYS A 14 -51.05 -4.40 -21.17
CA LYS A 14 -51.46 -3.82 -19.89
C LYS A 14 -50.67 -4.47 -18.74
N LEU A 15 -49.49 -3.90 -18.46
CA LEU A 15 -48.66 -4.31 -17.32
C LEU A 15 -49.03 -3.49 -16.08
N PRO A 16 -48.79 -4.04 -14.87
CA PRO A 16 -49.24 -3.36 -13.65
C PRO A 16 -48.41 -2.13 -13.31
N ASN A 17 -49.09 -1.07 -12.88
CA ASN A 17 -48.47 0.24 -12.60
C ASN A 17 -47.72 0.85 -13.81
N THR A 18 -48.14 0.48 -15.03
CA THR A 18 -47.43 0.84 -16.26
C THR A 18 -48.38 1.43 -17.31
N LYS A 19 -48.06 2.64 -17.76
CA LYS A 19 -48.82 3.32 -18.81
C LYS A 19 -47.97 3.39 -20.08
N VAL A 20 -48.43 2.73 -21.13
CA VAL A 20 -47.73 2.72 -22.41
C VAL A 20 -48.02 4.03 -23.14
N TRP A 21 -46.99 4.86 -23.33
CA TRP A 21 -47.14 6.13 -24.06
C TRP A 21 -47.41 5.87 -25.54
N PHE A 22 -46.53 5.08 -26.15
CA PHE A 22 -46.64 4.74 -27.57
C PHE A 22 -45.84 3.50 -27.93
N THR A 23 -46.13 2.97 -29.11
CA THR A 23 -45.30 1.97 -29.76
C THR A 23 -44.93 2.53 -31.13
N GLU A 24 -43.66 2.40 -31.51
CA GLU A 24 -43.14 2.99 -32.74
C GLU A 24 -42.36 1.95 -33.53
N HIS A 25 -42.75 1.75 -34.78
CA HIS A 25 -41.97 0.96 -35.73
C HIS A 25 -40.77 1.81 -36.15
N VAL A 26 -39.58 1.22 -36.08
CA VAL A 26 -38.33 1.90 -36.44
C VAL A 26 -37.51 0.95 -37.33
N PRO A 27 -37.54 1.15 -38.66
CA PRO A 27 -36.74 0.34 -39.59
C PRO A 27 -35.23 0.49 -39.44
N ALA A 28 -34.49 -0.42 -40.07
CA ALA A 28 -33.02 -0.46 -39.97
C ALA A 28 -32.40 0.75 -40.66
N GLY A 29 -31.41 1.34 -39.98
CA GLY A 29 -30.74 2.55 -40.48
C GLY A 29 -31.42 3.87 -40.16
N LYS A 30 -32.58 3.83 -39.49
CA LYS A 30 -33.32 5.06 -39.16
C LYS A 30 -32.65 5.78 -37.99
N ASN A 31 -32.67 7.10 -38.05
CA ASN A 31 -32.12 7.96 -37.01
C ASN A 31 -33.26 8.35 -36.06
N ILE A 32 -33.15 7.93 -34.79
CA ILE A 32 -34.17 8.20 -33.78
C ILE A 32 -33.67 9.34 -32.90
N THR A 33 -34.45 10.43 -32.82
CA THR A 33 -34.14 11.56 -31.94
C THR A 33 -34.90 11.42 -30.62
N PHE A 34 -34.38 12.10 -29.59
CA PHE A 34 -34.93 12.02 -28.23
C PHE A 34 -35.21 13.43 -27.68
N PRO A 35 -36.31 14.07 -28.16
CA PRO A 35 -36.60 15.45 -27.77
C PRO A 35 -37.08 15.63 -26.33
N ASP A 36 -37.69 14.60 -25.75
CA ASP A 36 -38.18 14.67 -24.36
C ASP A 36 -37.08 14.44 -23.30
N ASN A 37 -35.86 14.09 -23.72
CA ASN A 37 -34.72 13.98 -22.79
C ASN A 37 -34.38 15.30 -22.11
N HIS A 38 -33.71 15.20 -20.97
CA HIS A 38 -33.23 16.36 -20.22
C HIS A 38 -32.11 17.03 -21.02
N PRO A 39 -31.96 18.37 -20.91
CA PRO A 39 -30.84 19.04 -21.59
C PRO A 39 -29.45 18.45 -21.28
N THR A 40 -29.24 18.01 -20.04
CA THR A 40 -27.99 17.41 -19.61
C THR A 40 -27.74 15.98 -20.14
N CYS A 41 -28.79 15.29 -20.60
CA CYS A 41 -28.70 13.88 -20.98
C CYS A 41 -28.02 13.69 -22.34
N THR A 42 -27.43 12.51 -22.52
CA THR A 42 -26.73 12.12 -23.75
C THR A 42 -27.04 10.62 -23.98
N PRO A 43 -27.26 10.17 -25.21
CA PRO A 43 -27.21 10.97 -26.45
C PRO A 43 -28.53 11.69 -26.76
N LYS A 44 -28.46 12.60 -27.73
CA LYS A 44 -29.63 13.28 -28.28
C LYS A 44 -30.27 12.46 -29.39
N SER A 45 -29.48 11.61 -30.05
CA SER A 45 -29.98 10.72 -31.10
C SER A 45 -29.10 9.48 -31.27
N THR A 46 -29.68 8.43 -31.85
CA THR A 46 -28.96 7.18 -32.14
C THR A 46 -29.44 6.53 -33.45
N ILE A 47 -28.52 5.92 -34.19
CA ILE A 47 -28.84 5.16 -35.40
C ILE A 47 -29.03 3.70 -35.01
N THR A 48 -30.21 3.15 -35.28
CA THR A 48 -30.47 1.72 -35.07
C THR A 48 -29.95 0.92 -36.27
N ASP A 49 -29.25 -0.18 -35.98
CA ASP A 49 -28.65 -1.03 -37.02
C ASP A 49 -29.63 -2.02 -37.66
N VAL A 50 -30.71 -2.35 -36.94
CA VAL A 50 -31.73 -3.30 -37.42
C VAL A 50 -33.16 -2.80 -37.18
N GLU A 51 -34.12 -3.47 -37.80
CA GLU A 51 -35.53 -3.17 -37.62
C GLU A 51 -35.97 -3.53 -36.20
N ILE A 52 -36.64 -2.58 -35.54
CA ILE A 52 -37.11 -2.76 -34.16
C ILE A 52 -38.50 -2.15 -33.93
N CYS A 53 -39.14 -2.57 -32.84
CA CYS A 53 -40.36 -1.96 -32.33
C CYS A 53 -40.04 -1.26 -31.02
N ARG A 54 -40.05 0.08 -31.04
CA ARG A 54 -39.62 0.89 -29.89
C ARG A 54 -40.83 1.17 -29.00
N VAL A 55 -40.88 0.49 -27.85
CA VAL A 55 -41.95 0.66 -26.86
C VAL A 55 -41.47 1.67 -25.81
N ALA A 56 -42.35 2.61 -25.44
CA ALA A 56 -42.06 3.63 -24.42
C ALA A 56 -43.11 3.57 -23.33
N MET A 57 -42.67 3.56 -22.07
CA MET A 57 -43.54 3.34 -20.91
C MET A 57 -43.25 4.31 -19.76
N PHE A 58 -44.26 4.48 -18.90
CA PHE A 58 -44.13 5.20 -17.64
C PHE A 58 -44.51 4.22 -16.53
N VAL A 59 -43.56 3.93 -15.65
CA VAL A 59 -43.78 2.99 -14.54
C VAL A 59 -43.82 3.76 -13.23
N THR A 60 -45.00 3.87 -12.62
CA THR A 60 -45.12 4.45 -11.28
C THR A 60 -44.63 3.43 -10.23
N THR A 61 -43.72 3.86 -9.37
CA THR A 61 -43.12 3.00 -8.32
C THR A 61 -43.56 3.32 -6.90
N GLY A 62 -44.01 4.55 -6.65
CA GLY A 62 -44.53 4.96 -5.34
C GLY A 62 -45.41 6.21 -5.43
N PRO A 63 -45.81 6.76 -4.26
CA PRO A 63 -46.59 8.00 -4.20
C PRO A 63 -45.96 9.21 -4.91
N LYS A 64 -44.63 9.34 -4.83
CA LYS A 64 -43.90 10.45 -5.46
C LYS A 64 -42.59 9.96 -6.13
N SER A 65 -42.66 8.80 -6.78
CA SER A 65 -41.51 8.21 -7.49
C SER A 65 -41.99 7.41 -8.69
N ASN A 66 -41.18 7.42 -9.75
CA ASN A 66 -41.56 6.83 -11.03
C ASN A 66 -40.36 6.64 -11.97
N LEU A 67 -40.50 5.69 -12.90
CA LEU A 67 -39.48 5.42 -13.93
C LEU A 67 -40.00 5.78 -15.31
N THR A 68 -39.08 5.84 -16.26
CA THR A 68 -39.40 5.90 -17.68
C THR A 68 -38.62 4.76 -18.34
N LEU A 69 -39.33 3.68 -18.66
CA LEU A 69 -38.75 2.47 -19.25
C LEU A 69 -39.01 2.46 -20.75
N GLU A 70 -38.01 2.03 -21.52
CA GLU A 70 -38.16 1.79 -22.96
C GLU A 70 -37.69 0.38 -23.32
N ALA A 71 -38.42 -0.27 -24.22
CA ALA A 71 -38.10 -1.62 -24.69
C ALA A 71 -38.00 -1.61 -26.22
N TRP A 72 -36.81 -1.92 -26.73
CA TRP A 72 -36.55 -1.98 -28.17
C TRP A 72 -36.51 -3.46 -28.58
N LEU A 73 -37.57 -3.91 -29.27
CA LEU A 73 -37.77 -5.32 -29.62
C LEU A 73 -37.48 -5.55 -31.12
N PRO A 74 -36.39 -6.27 -31.45
CA PRO A 74 -36.06 -6.48 -32.87
C PRO A 74 -36.95 -7.49 -33.60
N SER A 75 -37.04 -7.36 -34.92
CA SER A 75 -37.81 -8.29 -35.76
C SER A 75 -37.05 -9.61 -35.94
N ASN A 76 -35.74 -9.53 -36.21
CA ASN A 76 -34.86 -10.70 -36.22
C ASN A 76 -34.39 -10.95 -34.78
N TRP A 77 -35.28 -11.56 -33.99
CA TRP A 77 -35.05 -11.82 -32.57
C TRP A 77 -34.37 -13.17 -32.37
N THR A 78 -33.26 -13.19 -31.63
CA THR A 78 -32.51 -14.42 -31.35
C THR A 78 -33.07 -15.24 -30.18
N GLY A 79 -33.96 -14.64 -29.38
CA GLY A 79 -34.51 -15.25 -28.17
C GLY A 79 -33.98 -14.62 -26.90
N ARG A 80 -32.90 -13.83 -27.02
CA ARG A 80 -32.18 -13.30 -25.86
C ARG A 80 -32.81 -12.00 -25.36
N PHE A 81 -32.87 -11.86 -24.03
CA PHE A 81 -33.27 -10.63 -23.37
C PHE A 81 -32.04 -9.89 -22.88
N LEU A 82 -32.03 -8.56 -23.01
CA LEU A 82 -30.94 -7.72 -22.51
C LEU A 82 -31.49 -6.55 -21.70
N SER A 83 -30.70 -6.10 -20.73
CA SER A 83 -31.01 -4.91 -19.93
C SER A 83 -29.78 -4.03 -19.87
N THR A 84 -29.98 -2.71 -20.03
CA THR A 84 -28.90 -1.73 -19.93
C THR A 84 -28.97 -1.01 -18.59
N GLY A 85 -27.89 -0.29 -18.27
CA GLY A 85 -27.77 0.47 -17.03
C GLY A 85 -27.66 1.96 -17.27
N ASN A 86 -27.15 2.66 -16.24
CA ASN A 86 -27.03 4.12 -16.24
C ASN A 86 -25.56 4.50 -15.93
N GLY A 87 -25.29 5.81 -15.84
CA GLY A 87 -23.95 6.32 -15.54
C GLY A 87 -23.98 7.49 -14.57
N GLY A 88 -23.08 7.48 -13.59
CA GLY A 88 -22.97 8.56 -12.60
C GLY A 88 -24.21 8.68 -11.72
N MET A 89 -24.62 9.92 -11.46
CA MET A 89 -25.89 10.20 -10.77
C MET A 89 -27.06 10.35 -11.75
N ALA A 90 -26.86 9.99 -13.02
CA ALA A 90 -27.75 10.41 -14.09
C ALA A 90 -29.03 9.58 -14.16
N GLY A 91 -30.10 10.26 -14.57
CA GLY A 91 -31.34 9.63 -14.97
C GLY A 91 -31.47 9.80 -16.46
N CYS A 92 -30.55 9.14 -17.18
CA CYS A 92 -30.49 9.18 -18.63
C CYS A 92 -30.53 7.74 -19.11
N ILE A 93 -31.47 7.41 -19.99
CA ILE A 93 -31.49 6.10 -20.65
C ILE A 93 -30.34 6.08 -21.66
N GLN A 94 -29.45 5.11 -21.51
CA GLN A 94 -28.28 4.99 -22.38
C GLN A 94 -28.70 4.36 -23.71
N TYR A 95 -29.21 5.21 -24.61
CA TYR A 95 -29.80 4.78 -25.88
C TYR A 95 -28.82 4.10 -26.84
N ASP A 96 -27.56 4.54 -26.83
CA ASP A 96 -26.52 3.89 -27.64
C ASP A 96 -26.32 2.42 -27.25
N ASP A 97 -26.34 2.13 -25.95
CA ASP A 97 -26.24 0.76 -25.44
C ASP A 97 -27.48 -0.08 -25.76
N VAL A 98 -28.66 0.55 -25.71
CA VAL A 98 -29.92 -0.12 -26.05
C VAL A 98 -29.95 -0.47 -27.55
N ALA A 99 -29.49 0.45 -28.39
CA ALA A 99 -29.37 0.22 -29.83
C ALA A 99 -28.26 -0.79 -30.18
N TYR A 100 -27.15 -0.71 -29.45
CA TYR A 100 -26.03 -1.67 -29.55
C TYR A 100 -26.50 -3.11 -29.29
N GLY A 101 -27.29 -3.27 -28.23
CA GLY A 101 -27.93 -4.54 -27.90
C GLY A 101 -28.90 -5.02 -28.97
N ALA A 102 -29.77 -4.11 -29.40
CA ALA A 102 -30.74 -4.40 -30.48
C ALA A 102 -30.08 -4.87 -31.77
N GLY A 103 -28.90 -4.30 -32.07
CA GLY A 103 -28.11 -4.69 -33.25
C GLY A 103 -27.69 -6.15 -33.31
N PHE A 104 -27.45 -6.76 -32.13
CA PHE A 104 -27.12 -8.19 -32.02
C PHE A 104 -28.34 -9.11 -31.85
N GLY A 105 -29.55 -8.56 -31.96
CA GLY A 105 -30.79 -9.34 -31.88
C GLY A 105 -31.38 -9.53 -30.49
N PHE A 106 -30.89 -8.79 -29.50
CA PHE A 106 -31.41 -8.85 -28.14
C PHE A 106 -32.69 -8.04 -28.01
N ALA A 107 -33.66 -8.56 -27.25
CA ALA A 107 -34.80 -7.77 -26.80
C ALA A 107 -34.32 -6.90 -25.65
N THR A 108 -33.82 -5.71 -25.99
CA THR A 108 -33.11 -4.85 -25.05
C THR A 108 -34.04 -3.84 -24.37
N VAL A 109 -33.79 -3.56 -23.09
CA VAL A 109 -34.52 -2.53 -22.34
C VAL A 109 -33.56 -1.57 -21.63
N GLY A 110 -34.10 -0.42 -21.23
CA GLY A 110 -33.33 0.60 -20.51
C GLY A 110 -34.24 1.58 -19.81
N ALA A 111 -33.90 1.93 -18.57
CA ALA A 111 -34.69 2.84 -17.73
C ALA A 111 -33.85 4.04 -17.30
N ASN A 112 -34.50 5.03 -16.68
CA ASN A 112 -33.86 6.30 -16.30
C ASN A 112 -33.51 6.42 -14.80
N ASN A 113 -33.35 5.29 -14.11
CA ASN A 113 -32.92 5.29 -12.70
C ASN A 113 -33.83 6.03 -11.68
N GLY A 114 -35.07 6.32 -12.07
CA GLY A 114 -36.03 7.01 -11.19
C GLY A 114 -36.12 8.53 -11.25
N HIS A 115 -35.37 9.16 -12.17
CA HIS A 115 -35.45 10.61 -12.38
C HIS A 115 -34.93 11.00 -13.78
N ASN A 116 -34.98 12.31 -14.08
CA ASN A 116 -34.46 12.84 -15.35
C ASN A 116 -33.34 13.84 -15.11
N GLY A 117 -32.29 13.76 -15.92
CA GLY A 117 -31.14 14.68 -15.83
C GLY A 117 -29.98 14.12 -15.02
N THR A 118 -28.80 14.71 -15.25
CA THR A 118 -27.56 14.25 -14.61
C THR A 118 -27.48 14.61 -13.11
N SER A 119 -28.21 15.63 -12.69
CA SER A 119 -28.24 16.04 -11.28
C SER A 119 -29.00 15.04 -10.42
N ALA A 120 -28.62 14.98 -9.14
CA ALA A 120 -29.29 14.14 -8.13
C ALA A 120 -30.21 14.94 -7.20
N VAL A 121 -30.64 16.13 -7.64
CA VAL A 121 -31.52 17.00 -6.83
C VAL A 121 -32.91 16.38 -6.59
N SER A 122 -33.36 15.53 -7.52
CA SER A 122 -34.60 14.74 -7.38
C SER A 122 -34.63 13.87 -6.11
N MET A 123 -33.45 13.38 -5.70
CA MET A 123 -33.32 12.52 -4.52
C MET A 123 -33.56 13.23 -3.17
N TYR A 124 -33.47 14.56 -3.15
CA TYR A 124 -33.65 15.34 -1.92
C TYR A 124 -35.07 15.19 -1.34
N LYS A 125 -35.15 14.70 -0.10
CA LYS A 125 -36.41 14.48 0.62
C LYS A 125 -37.36 13.54 -0.13
N ASN A 126 -36.80 12.52 -0.76
CA ASN A 126 -37.58 11.58 -1.59
C ASN A 126 -36.91 10.20 -1.59
N SER A 127 -37.41 9.32 -0.72
CA SER A 127 -36.89 7.95 -0.58
C SER A 127 -37.15 7.08 -1.80
N GLY A 128 -38.32 7.26 -2.42
CA GLY A 128 -38.71 6.50 -3.62
C GLY A 128 -37.81 6.69 -4.82
N VAL A 129 -37.33 7.92 -5.03
CA VAL A 129 -36.42 8.24 -6.13
C VAL A 129 -35.04 7.62 -5.90
N VAL A 130 -34.57 7.65 -4.65
CA VAL A 130 -33.31 7.01 -4.26
C VAL A 130 -33.43 5.48 -4.38
N GLU A 131 -34.57 4.94 -3.94
CA GLU A 131 -34.83 3.49 -4.01
C GLU A 131 -34.77 2.96 -5.45
N ASP A 132 -35.27 3.74 -6.41
CA ASP A 132 -35.17 3.41 -7.83
C ASP A 132 -33.73 3.47 -8.34
N TYR A 133 -33.00 4.50 -7.92
CA TYR A 133 -31.58 4.65 -8.27
C TYR A 133 -30.73 3.47 -7.79
N VAL A 134 -30.94 3.06 -6.54
CA VAL A 134 -30.09 2.04 -5.90
C VAL A 134 -30.31 0.65 -6.51
N TYR A 135 -31.57 0.22 -6.62
CA TYR A 135 -31.89 -1.12 -7.16
C TYR A 135 -33.15 -1.24 -8.04
N ARG A 136 -34.22 -0.54 -7.68
CA ARG A 136 -35.56 -0.86 -8.17
C ARG A 136 -35.82 -0.52 -9.65
N SER A 137 -35.07 0.43 -10.21
CA SER A 137 -35.25 0.81 -11.62
C SER A 137 -34.82 -0.31 -12.57
N VAL A 138 -33.60 -0.83 -12.36
CA VAL A 138 -33.07 -1.91 -13.19
C VAL A 138 -33.84 -3.22 -12.98
N HIS A 139 -34.21 -3.49 -11.73
CA HIS A 139 -34.99 -4.70 -11.39
C HIS A 139 -36.38 -4.67 -12.01
N THR A 140 -37.10 -3.57 -11.81
CA THR A 140 -38.46 -3.39 -12.36
C THR A 140 -38.47 -3.41 -13.89
N GLY A 141 -37.45 -2.79 -14.51
CA GLY A 141 -37.27 -2.83 -15.96
C GLY A 141 -37.04 -4.23 -16.50
N THR A 142 -36.33 -5.06 -15.75
CA THR A 142 -36.06 -6.45 -16.12
C THR A 142 -37.30 -7.34 -16.01
N VAL A 143 -38.07 -7.21 -14.93
CA VAL A 143 -39.28 -8.01 -14.72
C VAL A 143 -40.36 -7.66 -15.74
N LEU A 144 -40.61 -6.36 -15.92
CA LEU A 144 -41.57 -5.87 -16.92
C LEU A 144 -41.08 -6.13 -18.36
N GLY A 145 -39.77 -6.03 -18.56
CA GLY A 145 -39.17 -6.31 -19.87
C GLY A 145 -39.36 -7.74 -20.34
N LYS A 146 -39.27 -8.69 -19.42
CA LYS A 146 -39.51 -10.11 -19.73
C LYS A 146 -40.97 -10.39 -20.08
N GLU A 147 -41.89 -9.77 -19.36
CA GLU A 147 -43.33 -9.96 -19.60
C GLU A 147 -43.79 -9.41 -20.96
N LEU A 148 -43.33 -8.21 -21.31
CA LEU A 148 -43.67 -7.61 -22.61
C LEU A 148 -42.96 -8.33 -23.77
N THR A 149 -41.73 -8.77 -23.55
CA THR A 149 -41.01 -9.60 -24.52
C THR A 149 -41.73 -10.92 -24.75
N LYS A 150 -42.22 -11.53 -23.67
CA LYS A 150 -43.00 -12.77 -23.74
C LYS A 150 -44.33 -12.59 -24.49
N LYS A 151 -45.03 -11.48 -24.19
CA LYS A 151 -46.31 -11.18 -24.82
C LYS A 151 -46.18 -10.75 -26.30
N PHE A 152 -45.08 -10.07 -26.65
CA PHE A 152 -44.88 -9.57 -28.00
C PHE A 152 -44.60 -10.69 -29.01
N TYR A 153 -43.55 -11.47 -28.73
CA TYR A 153 -43.15 -12.58 -29.61
C TYR A 153 -44.00 -13.85 -29.45
N GLY A 154 -44.81 -13.92 -28.37
CA GLY A 154 -45.63 -15.10 -28.11
C GLY A 154 -44.85 -16.29 -27.58
N LYS A 155 -43.69 -16.03 -26.98
CA LYS A 155 -42.84 -17.07 -26.40
C LYS A 155 -41.83 -16.44 -25.45
N LYS A 156 -41.51 -17.17 -24.39
CA LYS A 156 -40.60 -16.68 -23.35
C LYS A 156 -39.16 -16.60 -23.88
N HIS A 157 -38.37 -15.70 -23.29
CA HIS A 157 -36.96 -15.54 -23.64
C HIS A 157 -36.14 -16.79 -23.33
N THR A 158 -35.09 -17.01 -24.11
CA THR A 158 -34.18 -18.14 -23.89
C THR A 158 -33.25 -17.85 -22.70
N LYS A 159 -32.50 -16.75 -22.80
CA LYS A 159 -31.54 -16.35 -21.77
C LYS A 159 -31.58 -14.84 -21.51
N SER A 160 -31.30 -14.47 -20.26
CA SER A 160 -31.36 -13.08 -19.79
C SER A 160 -29.93 -12.55 -19.58
N TYR A 161 -29.67 -11.33 -20.08
CA TYR A 161 -28.34 -10.71 -20.03
C TYR A 161 -28.38 -9.27 -19.52
N TYR A 162 -27.27 -8.82 -18.94
CA TYR A 162 -27.10 -7.43 -18.51
C TYR A 162 -25.78 -6.86 -19.03
N LEU A 163 -25.81 -5.59 -19.43
CA LEU A 163 -24.61 -4.86 -19.89
C LEU A 163 -24.64 -3.46 -19.27
N GLY A 164 -23.61 -3.14 -18.48
CA GLY A 164 -23.54 -1.84 -17.81
C GLY A 164 -22.12 -1.42 -17.49
N CYS A 165 -21.92 -0.11 -17.37
CA CYS A 165 -20.62 0.48 -17.08
C CYS A 165 -20.76 1.65 -16.10
N SER A 166 -19.69 1.91 -15.35
CA SER A 166 -19.65 2.98 -14.34
C SER A 166 -20.68 2.72 -13.21
N THR A 167 -21.73 3.53 -13.11
CA THR A 167 -22.89 3.22 -12.27
C THR A 167 -23.58 1.92 -12.72
N GLY A 168 -23.63 1.69 -14.03
CA GLY A 168 -24.12 0.43 -14.59
C GLY A 168 -23.42 -0.82 -14.09
N GLY A 169 -22.12 -0.71 -13.83
CA GLY A 169 -21.33 -1.80 -13.25
C GLY A 169 -21.77 -2.12 -11.83
N ARG A 170 -22.03 -1.07 -11.03
CA ARG A 170 -22.60 -1.25 -9.70
C ARG A 170 -23.99 -1.88 -9.78
N GLN A 171 -24.81 -1.38 -10.70
CA GLN A 171 -26.16 -1.89 -10.92
C GLN A 171 -26.15 -3.37 -11.33
N GLY A 172 -25.20 -3.75 -12.17
CA GLY A 172 -24.98 -5.15 -12.53
C GLY A 172 -24.58 -6.02 -11.34
N TRP A 173 -23.73 -5.48 -10.47
CA TRP A 173 -23.32 -6.18 -9.25
C TRP A 173 -24.43 -6.25 -8.19
N LYS A 174 -25.23 -5.19 -8.08
CA LYS A 174 -26.45 -5.21 -7.24
C LYS A 174 -27.35 -6.38 -7.64
N GLU A 175 -27.49 -6.60 -8.94
CA GLU A 175 -28.26 -7.73 -9.47
C GLU A 175 -27.62 -9.07 -9.13
N ALA A 176 -26.32 -9.21 -9.36
CA ALA A 176 -25.61 -10.46 -9.04
C ALA A 176 -25.67 -10.79 -7.54
N GLN A 177 -25.58 -9.77 -6.69
CA GLN A 177 -25.60 -9.94 -5.24
C GLN A 177 -27.02 -10.17 -4.68
N SER A 178 -27.93 -9.25 -4.98
CA SER A 178 -29.26 -9.21 -4.33
C SER A 178 -30.46 -9.66 -5.19
N PHE A 179 -30.29 -9.77 -6.51
CA PHE A 179 -31.35 -10.24 -7.42
C PHE A 179 -30.81 -11.27 -8.41
N PRO A 180 -30.25 -12.38 -7.90
CA PRO A 180 -29.54 -13.36 -8.74
C PRO A 180 -30.38 -14.03 -9.83
N ASP A 181 -31.68 -14.17 -9.60
CA ASP A 181 -32.59 -14.83 -10.56
C ASP A 181 -32.91 -14.01 -11.81
N ASP A 182 -32.64 -12.70 -11.79
CA ASP A 182 -32.93 -11.82 -12.93
C ASP A 182 -32.10 -12.11 -14.18
N PHE A 183 -30.80 -12.39 -14.01
CA PHE A 183 -29.89 -12.54 -15.15
C PHE A 183 -29.10 -13.86 -15.16
N ASP A 184 -28.92 -14.39 -16.36
CA ASP A 184 -28.03 -15.54 -16.60
C ASP A 184 -26.60 -15.06 -16.88
N GLY A 185 -26.48 -13.97 -17.63
CA GLY A 185 -25.20 -13.32 -17.91
C GLY A 185 -25.18 -11.87 -17.48
N ILE A 186 -24.05 -11.41 -16.93
CA ILE A 186 -23.87 -10.00 -16.56
C ILE A 186 -22.48 -9.52 -16.99
N VAL A 187 -22.42 -8.34 -17.61
CA VAL A 187 -21.18 -7.60 -17.79
C VAL A 187 -21.22 -6.37 -16.88
N ALA A 188 -20.25 -6.28 -15.97
CA ALA A 188 -20.15 -5.16 -15.03
C ALA A 188 -18.83 -4.44 -15.27
N GLY A 189 -18.90 -3.27 -15.92
CA GLY A 189 -17.71 -2.48 -16.27
C GLY A 189 -17.46 -1.35 -15.29
N ALA A 190 -16.18 -1.12 -14.97
CA ALA A 190 -15.72 -0.02 -14.11
C ALA A 190 -16.69 0.31 -12.95
N PRO A 191 -17.03 -0.71 -12.13
CA PRO A 191 -18.18 -0.57 -11.23
C PRO A 191 -18.02 0.49 -10.14
N ALA A 192 -19.08 1.26 -9.90
CA ALA A 192 -19.13 2.23 -8.81
C ALA A 192 -19.53 1.56 -7.48
N MET A 193 -19.04 0.33 -7.25
CA MET A 193 -19.37 -0.42 -6.06
C MET A 193 -18.50 0.06 -4.90
N ARG A 194 -18.96 -0.21 -3.68
CA ARG A 194 -18.50 0.49 -2.48
C ARG A 194 -18.85 1.98 -2.66
N PHE A 195 -20.10 2.22 -3.06
CA PHE A 195 -20.55 3.52 -3.57
C PHE A 195 -20.39 4.66 -2.58
N ASN A 196 -20.74 4.42 -1.32
CA ASN A 196 -20.56 5.43 -0.26
C ASN A 196 -19.07 5.73 -0.04
N GLY A 197 -18.23 4.69 -0.12
CA GLY A 197 -16.78 4.84 -0.09
C GLY A 197 -16.22 5.58 -1.29
N LEU A 198 -16.80 5.36 -2.47
CA LEU A 198 -16.42 6.07 -3.70
C LEU A 198 -16.75 7.56 -3.64
N GLN A 199 -17.93 7.90 -3.11
CA GLN A 199 -18.31 9.31 -2.95
C GLN A 199 -17.47 9.99 -1.86
N SER A 200 -17.20 9.25 -0.79
CA SER A 200 -16.24 9.66 0.23
C SER A 200 -14.84 9.89 -0.36
N ARG A 201 -14.40 8.96 -1.21
CA ARG A 201 -13.12 9.05 -1.92
C ARG A 201 -13.07 10.27 -2.84
N SER A 202 -14.08 10.41 -3.70
CA SER A 202 -14.15 11.50 -4.68
C SER A 202 -14.30 12.88 -4.02
N GLY A 203 -15.04 12.93 -2.92
CA GLY A 203 -15.19 14.15 -2.12
C GLY A 203 -13.93 14.56 -1.38
N SER A 204 -13.14 13.58 -0.94
CA SER A 204 -11.92 13.84 -0.15
C SER A 204 -10.80 14.56 -0.92
N PHE A 205 -10.79 14.43 -2.24
CA PHE A 205 -9.72 15.03 -3.06
C PHE A 205 -9.73 16.57 -2.98
N TRP A 206 -10.92 17.16 -2.89
CA TRP A 206 -11.07 18.60 -2.69
C TRP A 206 -10.54 19.03 -1.31
N GLY A 207 -10.86 18.25 -0.28
CA GLY A 207 -10.32 18.46 1.07
C GLY A 207 -8.81 18.34 1.18
N ILE A 208 -8.23 17.43 0.37
CA ILE A 208 -6.78 17.22 0.32
C ILE A 208 -6.09 18.36 -0.44
N THR A 209 -6.52 18.60 -1.68
CA THR A 209 -5.89 19.59 -2.55
C THR A 209 -6.20 21.03 -2.14
N GLY A 210 -7.47 21.30 -1.81
CA GLY A 210 -7.95 22.65 -1.58
C GLY A 210 -8.15 23.41 -2.89
N PRO A 211 -8.56 24.69 -2.81
CA PRO A 211 -8.75 25.49 -4.03
C PRO A 211 -7.43 25.92 -4.67
N PRO A 212 -7.47 26.41 -5.92
CA PRO A 212 -6.26 26.93 -6.57
C PRO A 212 -5.67 28.12 -5.82
N GLY A 213 -4.34 28.17 -5.73
CA GLY A 213 -3.63 29.18 -4.95
C GLY A 213 -3.08 28.62 -3.64
N ALA A 214 -3.83 27.73 -3.00
CA ALA A 214 -3.40 27.06 -1.76
C ALA A 214 -2.15 26.21 -2.00
N PRO A 215 -1.31 26.03 -0.96
CA PRO A 215 -0.04 25.31 -1.14
C PRO A 215 -0.22 23.82 -1.45
N THR A 216 -1.27 23.21 -0.92
CA THR A 216 -1.57 21.79 -1.17
C THR A 216 -2.11 21.50 -2.58
N HIS A 217 -2.65 22.51 -3.26
CA HIS A 217 -3.25 22.33 -4.59
C HIS A 217 -2.20 22.17 -5.70
N LEU A 218 -2.51 21.33 -6.69
CA LEU A 218 -1.69 21.16 -7.89
C LEU A 218 -2.49 21.59 -9.12
N SER A 219 -1.85 22.32 -10.02
CA SER A 219 -2.47 22.73 -11.29
C SER A 219 -2.50 21.53 -12.27
N PRO A 220 -3.29 21.64 -13.36
CA PRO A 220 -3.28 20.61 -14.41
C PRO A 220 -1.90 20.31 -15.02
N GLU A 221 -1.04 21.32 -15.09
CA GLU A 221 0.35 21.14 -15.57
C GLU A 221 1.19 20.34 -14.58
N GLU A 222 1.00 20.61 -13.28
CA GLU A 222 1.71 19.90 -12.22
C GLU A 222 1.26 18.45 -12.08
N TRP A 223 -0.04 18.18 -12.27
CA TRP A 223 -0.54 16.81 -12.32
C TRP A 223 -0.03 16.07 -13.56
N ALA A 224 0.04 16.76 -14.69
CA ALA A 224 0.61 16.21 -15.92
C ALA A 224 2.11 15.88 -15.76
N MET A 225 2.82 16.72 -15.01
CA MET A 225 4.22 16.46 -14.64
C MET A 225 4.34 15.18 -13.79
N VAL A 226 3.45 15.03 -12.81
CA VAL A 226 3.44 13.87 -11.91
C VAL A 226 3.21 12.57 -12.69
N GLN A 227 2.24 12.58 -13.61
CA GLN A 227 1.91 11.39 -14.41
C GLN A 227 3.05 10.99 -15.37
N LYS A 228 3.81 11.96 -15.86
CA LYS A 228 5.03 11.68 -16.65
C LYS A 228 6.12 11.03 -15.79
N ASN A 229 6.30 11.54 -14.57
CA ASN A 229 7.29 10.99 -13.64
C ASN A 229 6.89 9.60 -13.11
N VAL A 230 5.58 9.34 -13.01
CA VAL A 230 5.06 8.00 -12.70
C VAL A 230 5.55 6.98 -13.74
N LEU A 231 5.51 7.36 -15.01
CA LEU A 231 5.99 6.48 -16.10
C LEU A 231 7.50 6.23 -16.04
N VAL A 232 8.27 7.23 -15.60
CA VAL A 232 9.72 7.07 -15.44
C VAL A 232 10.03 6.01 -14.37
N GLN A 233 9.38 6.12 -13.21
CA GLN A 233 9.59 5.19 -12.11
C GLN A 233 8.96 3.81 -12.33
N CYS A 234 7.78 3.75 -12.94
CA CYS A 234 6.95 2.54 -12.93
C CYS A 234 6.66 1.84 -14.28
N ASP A 235 6.89 2.51 -15.41
CA ASP A 235 6.49 1.94 -16.72
C ASP A 235 7.46 0.84 -17.18
N GLU A 236 8.61 1.22 -17.75
CA GLU A 236 9.59 0.25 -18.27
C GLU A 236 10.29 -0.58 -17.18
N PRO A 237 10.58 0.03 -16.00
CA PRO A 237 11.21 -0.77 -14.93
C PRO A 237 10.37 -1.94 -14.39
N LEU A 238 9.04 -1.84 -14.46
CA LEU A 238 8.14 -2.87 -13.91
C LEU A 238 7.50 -3.82 -14.94
N ASP A 239 7.30 -3.38 -16.18
CA ASP A 239 6.79 -4.27 -17.26
C ASP A 239 7.68 -4.41 -18.52
N GLY A 240 8.83 -3.75 -18.54
CA GLY A 240 9.79 -3.87 -19.65
C GLY A 240 9.42 -3.25 -20.99
N VAL A 241 8.31 -2.51 -21.04
CA VAL A 241 7.77 -1.96 -22.29
C VAL A 241 7.38 -0.49 -22.07
N ALA A 242 8.21 0.41 -22.59
CA ALA A 242 7.98 1.86 -22.48
C ALA A 242 6.94 2.31 -23.50
N ASP A 243 5.67 2.11 -23.14
CA ASP A 243 4.52 2.48 -23.98
C ASP A 243 3.57 3.48 -23.30
N GLY A 244 3.99 4.04 -22.17
CA GLY A 244 3.12 4.91 -21.36
C GLY A 244 1.96 4.22 -20.69
N ILE A 245 2.02 2.88 -20.59
CA ILE A 245 0.95 2.06 -20.05
C ILE A 245 1.53 1.16 -18.97
N LEU A 246 1.01 1.28 -17.76
CA LEU A 246 1.38 0.39 -16.65
C LEU A 246 0.54 -0.88 -16.75
N GLU A 247 1.20 -2.00 -17.04
CA GLU A 247 0.49 -3.27 -17.26
C GLU A 247 -0.08 -3.84 -15.96
N ASP A 248 0.64 -3.66 -14.85
CA ASP A 248 0.17 -4.03 -13.51
C ASP A 248 0.49 -2.90 -12.53
N PRO A 249 -0.49 -2.01 -12.26
CA PRO A 249 -0.31 -0.93 -11.26
C PRO A 249 -0.16 -1.35 -9.79
N ASN A 250 -0.41 -2.62 -9.46
CA ASN A 250 -0.14 -3.15 -8.11
C ASN A 250 1.34 -3.06 -7.73
N LEU A 251 2.22 -3.27 -8.70
CA LEU A 251 3.67 -3.23 -8.48
C LEU A 251 4.24 -1.81 -8.31
N CYS A 252 3.50 -0.80 -8.75
CA CYS A 252 3.96 0.59 -8.69
C CYS A 252 3.60 1.29 -7.38
N GLN A 253 4.63 1.56 -6.57
CA GLN A 253 4.51 2.44 -5.42
C GLN A 253 5.31 3.71 -5.71
N TYR A 254 4.62 4.71 -6.21
CA TYR A 254 5.24 5.95 -6.69
C TYR A 254 5.72 6.81 -5.52
N ARG A 255 6.87 7.46 -5.71
CA ARG A 255 7.40 8.41 -4.72
C ARG A 255 7.53 9.80 -5.37
N PRO A 256 6.66 10.76 -4.96
CA PRO A 256 6.74 12.12 -5.52
C PRO A 256 7.94 12.96 -5.07
N GLU A 257 8.72 12.47 -4.12
CA GLU A 257 9.92 13.16 -3.62
C GLU A 257 11.05 13.24 -4.68
N ALA A 258 10.96 12.42 -5.73
CA ALA A 258 11.83 12.55 -6.90
C ALA A 258 11.73 13.93 -7.58
N LEU A 259 10.56 14.56 -7.49
CA LEU A 259 10.32 15.91 -8.03
C LEU A 259 10.27 16.98 -6.93
N VAL A 260 11.08 16.82 -5.88
CA VAL A 260 11.09 17.78 -4.76
C VAL A 260 11.70 19.12 -5.18
N CYS A 261 11.15 20.22 -4.65
CA CYS A 261 11.55 21.56 -5.05
C CYS A 261 12.86 21.95 -4.37
N SER A 262 13.96 21.90 -5.12
CA SER A 262 15.26 22.42 -4.64
C SER A 262 15.32 23.95 -4.63
N LYS A 263 14.48 24.58 -5.46
CA LYS A 263 14.40 26.05 -5.55
C LYS A 263 13.73 26.64 -4.30
N GLY A 264 13.80 27.97 -4.18
CA GLY A 264 13.14 28.68 -3.09
C GLY A 264 11.62 28.62 -3.17
N GLN A 265 11.09 28.76 -4.38
CA GLN A 265 9.65 28.62 -4.66
C GLN A 265 9.40 27.77 -5.92
N THR A 266 8.15 27.34 -6.10
CA THR A 266 7.78 26.38 -7.15
C THR A 266 7.80 26.95 -8.57
N LYS A 267 8.07 26.08 -9.54
CA LYS A 267 7.91 26.37 -10.97
C LYS A 267 7.47 25.10 -11.72
N ASN A 268 8.37 24.12 -11.79
CA ASN A 268 8.08 22.80 -12.36
C ASN A 268 8.59 21.72 -11.40
N CYS A 269 8.04 21.76 -10.19
CA CYS A 269 8.45 20.89 -9.09
C CYS A 269 7.36 20.81 -8.01
N LEU A 270 7.47 19.81 -7.14
CA LEU A 270 6.53 19.58 -6.05
C LEU A 270 7.07 20.12 -4.73
N THR A 271 6.33 21.03 -4.10
CA THR A 271 6.65 21.52 -2.76
C THR A 271 6.32 20.44 -1.71
N GLY A 272 6.68 20.71 -0.46
CA GLY A 272 6.34 19.82 0.67
C GLY A 272 4.86 19.49 0.79
N PRO A 273 3.99 20.53 0.80
CA PRO A 273 2.54 20.32 0.78
C PRO A 273 2.01 19.59 -0.47
N GLN A 274 2.63 19.84 -1.63
CA GLN A 274 2.25 19.13 -2.87
C GLN A 274 2.66 17.66 -2.87
N ILE A 275 3.81 17.36 -2.27
CA ILE A 275 4.24 15.97 -2.04
C ILE A 275 3.24 15.23 -1.13
N GLU A 276 2.79 15.90 -0.07
CA GLU A 276 1.76 15.37 0.84
C GLU A 276 0.43 15.08 0.10
N THR A 277 0.07 15.96 -0.83
CA THR A 277 -1.15 15.82 -1.63
C THR A 277 -1.10 14.59 -2.57
N VAL A 278 0.03 14.37 -3.23
CA VAL A 278 0.19 13.26 -4.17
C VAL A 278 0.14 11.91 -3.45
N ARG A 279 0.78 11.82 -2.28
CA ARG A 279 0.75 10.59 -1.47
C ARG A 279 -0.66 10.25 -0.96
N LYS A 280 -1.45 11.27 -0.63
CA LYS A 280 -2.86 11.08 -0.24
C LYS A 280 -3.75 10.70 -1.43
N VAL A 281 -3.50 11.30 -2.60
CA VAL A 281 -4.24 10.97 -3.83
C VAL A 281 -3.88 9.55 -4.32
N PHE A 282 -2.58 9.22 -4.29
CA PHE A 282 -2.12 7.84 -4.56
C PHE A 282 -1.98 7.01 -3.28
N GLY A 283 -2.87 7.22 -2.32
CA GLY A 283 -2.91 6.44 -1.08
C GLY A 283 -4.33 6.21 -0.60
N PRO A 284 -4.51 5.25 0.32
CA PRO A 284 -5.85 4.87 0.76
C PRO A 284 -6.52 5.93 1.62
N LEU A 285 -7.85 5.90 1.67
CA LEU A 285 -8.62 6.77 2.55
C LEU A 285 -9.05 5.97 3.79
N TYR A 286 -8.65 6.45 4.96
CA TYR A 286 -9.11 5.92 6.24
C TYR A 286 -9.93 7.01 6.96
N GLY A 287 -10.60 6.62 8.04
CA GLY A 287 -11.50 7.51 8.77
C GLY A 287 -11.49 7.31 10.27
N ASN A 288 -12.65 7.48 10.91
CA ASN A 288 -12.75 7.42 12.38
C ASN A 288 -12.47 6.02 12.91
N ASN A 289 -11.79 5.96 14.06
CA ASN A 289 -11.32 4.71 14.69
C ASN A 289 -10.44 3.83 13.79
N GLY A 290 -9.72 4.46 12.86
CA GLY A 290 -8.88 3.75 11.90
C GLY A 290 -9.60 2.84 10.92
N THR A 291 -10.87 3.15 10.62
CA THR A 291 -11.66 2.36 9.67
C THR A 291 -11.25 2.67 8.23
N TYR A 292 -11.31 1.65 7.38
CA TYR A 292 -10.90 1.73 5.98
C TYR A 292 -12.11 2.09 5.12
N ILE A 293 -11.98 3.16 4.33
CA ILE A 293 -13.10 3.70 3.54
C ILE A 293 -13.00 3.24 2.08
N TYR A 294 -11.90 3.59 1.42
CA TYR A 294 -11.72 3.34 -0.02
C TYR A 294 -10.24 3.34 -0.38
N PRO A 295 -9.84 2.56 -1.41
CA PRO A 295 -8.42 2.56 -1.83
C PRO A 295 -7.94 3.84 -2.51
N ARG A 296 -6.65 3.83 -2.87
CA ARG A 296 -6.03 4.89 -3.66
C ARG A 296 -6.60 4.99 -5.07
N ILE A 297 -6.30 6.11 -5.72
CA ILE A 297 -6.33 6.20 -7.18
C ILE A 297 -4.95 5.68 -7.61
N PRO A 298 -4.90 4.65 -8.49
CA PRO A 298 -3.59 4.10 -8.84
C PRO A 298 -2.75 5.08 -9.70
N PRO A 299 -1.42 5.12 -9.49
CA PRO A 299 -0.55 5.91 -10.36
C PRO A 299 -0.69 5.53 -11.84
N GLY A 300 -0.69 6.53 -12.71
CA GLY A 300 -0.92 6.32 -14.15
C GLY A 300 -2.38 6.48 -14.59
N ALA A 301 -3.31 6.53 -13.63
CA ALA A 301 -4.74 6.63 -13.95
C ALA A 301 -5.12 8.08 -14.30
N ASP A 302 -4.82 8.46 -15.53
CA ASP A 302 -5.04 9.84 -16.02
C ASP A 302 -6.42 10.09 -16.64
N GLN A 303 -7.09 9.04 -17.12
CA GLN A 303 -8.37 9.18 -17.82
C GLN A 303 -9.51 9.45 -16.83
N GLY A 304 -10.18 10.59 -17.01
CA GLY A 304 -11.23 11.04 -16.09
C GLY A 304 -10.72 11.58 -14.76
N PHE A 305 -9.43 11.96 -14.72
CA PHE A 305 -8.79 12.45 -13.51
C PHE A 305 -9.22 13.89 -13.19
N GLY A 306 -9.32 14.72 -14.22
CA GLY A 306 -9.67 16.14 -14.09
C GLY A 306 -11.06 16.45 -13.52
N PHE A 307 -12.01 15.53 -13.67
CA PHE A 307 -13.38 15.73 -13.18
C PHE A 307 -13.45 15.76 -11.65
N ALA A 308 -12.85 14.75 -11.01
CA ALA A 308 -12.82 14.66 -9.55
C ALA A 308 -11.86 15.66 -8.93
N ILE A 309 -10.66 15.73 -9.49
CA ILE A 309 -9.59 16.63 -9.03
C ILE A 309 -9.45 17.79 -10.01
N GLY A 310 -9.98 18.95 -9.63
CA GLY A 310 -9.93 20.15 -10.48
C GLY A 310 -10.02 21.46 -9.71
N GLU A 311 -10.31 22.53 -10.45
CA GLU A 311 -10.37 23.90 -9.89
C GLU A 311 -11.57 24.14 -8.95
N GLN A 312 -12.63 23.36 -9.13
CA GLN A 312 -13.83 23.44 -8.28
C GLN A 312 -14.11 22.08 -7.63
N PRO A 313 -14.97 22.04 -6.58
CA PRO A 313 -15.31 20.74 -5.97
C PRO A 313 -16.13 19.82 -6.88
N PHE A 314 -16.04 18.52 -6.62
CA PHE A 314 -16.70 17.49 -7.42
C PHE A 314 -18.21 17.50 -7.14
N PRO A 315 -19.05 17.68 -8.18
CA PRO A 315 -20.49 17.86 -7.96
C PRO A 315 -21.25 16.61 -7.50
N TYR A 316 -20.94 15.44 -8.07
CA TYR A 316 -21.67 14.20 -7.74
C TYR A 316 -21.54 13.82 -6.25
N SER A 317 -20.35 13.97 -5.69
CA SER A 317 -20.12 13.69 -4.28
C SER A 317 -20.78 14.72 -3.37
N THR A 318 -20.65 16.00 -3.73
CA THR A 318 -21.28 17.10 -2.98
C THR A 318 -22.79 16.92 -2.90
N GLU A 319 -23.42 16.64 -4.03
CA GLU A 319 -24.86 16.38 -4.09
C GLU A 319 -25.28 15.14 -3.31
N TRP A 320 -24.45 14.09 -3.32
CA TRP A 320 -24.72 12.87 -2.56
C TRP A 320 -24.77 13.14 -1.05
N PHE A 321 -23.76 13.83 -0.53
CA PHE A 321 -23.71 14.21 0.88
C PHE A 321 -24.81 15.21 1.25
N GLN A 322 -25.08 16.16 0.37
CA GLN A 322 -26.10 17.18 0.59
C GLN A 322 -27.53 16.62 0.60
N TYR A 323 -27.89 15.91 -0.46
CA TYR A 323 -29.28 15.47 -0.68
C TYR A 323 -29.64 14.14 -0.03
N VAL A 324 -28.70 13.19 0.00
CA VAL A 324 -28.99 11.81 0.41
C VAL A 324 -28.51 11.47 1.82
N ILE A 325 -27.27 11.82 2.15
CA ILE A 325 -26.66 11.41 3.42
C ILE A 325 -27.06 12.34 4.57
N TRP A 326 -26.69 13.62 4.49
CA TRP A 326 -26.97 14.60 5.55
C TRP A 326 -28.37 15.22 5.44
N ASN A 327 -28.92 15.27 4.23
CA ASN A 327 -30.25 15.86 3.97
C ASN A 327 -30.25 17.36 4.31
N ASP A 328 -29.27 18.07 3.72
CA ASP A 328 -29.06 19.48 3.98
C ASP A 328 -28.27 20.11 2.82
N THR A 329 -28.85 21.14 2.19
CA THR A 329 -28.18 21.86 1.11
C THR A 329 -27.06 22.79 1.60
N LYS A 330 -27.02 23.08 2.90
CA LYS A 330 -25.96 23.91 3.50
C LYS A 330 -24.63 23.18 3.72
N TRP A 331 -24.60 21.85 3.57
CA TRP A 331 -23.38 21.06 3.78
C TRP A 331 -22.23 21.52 2.90
N ASP A 332 -21.07 21.75 3.52
CA ASP A 332 -19.92 22.39 2.87
C ASP A 332 -18.89 21.33 2.45
N PRO A 333 -18.58 21.24 1.13
CA PRO A 333 -17.54 20.29 0.69
C PRO A 333 -16.10 20.69 1.05
N ASN A 334 -15.88 21.96 1.40
CA ASN A 334 -14.56 22.44 1.83
C ASN A 334 -14.10 21.82 3.16
N THR A 335 -15.05 21.50 4.05
CA THR A 335 -14.76 20.91 5.36
C THR A 335 -15.12 19.41 5.42
N ILE A 336 -14.85 18.68 4.34
CA ILE A 336 -15.10 17.24 4.29
C ILE A 336 -14.06 16.47 5.11
N GLY A 337 -14.49 15.39 5.75
CA GLY A 337 -13.61 14.61 6.62
C GLY A 337 -14.19 13.29 7.12
N PRO A 338 -13.51 12.63 8.08
CA PRO A 338 -13.92 11.35 8.67
C PRO A 338 -15.39 11.21 9.08
N ASN A 339 -15.95 12.24 9.71
CA ASN A 339 -17.35 12.22 10.17
C ASN A 339 -18.35 12.06 9.01
N ASP A 340 -18.02 12.65 7.87
CA ASP A 340 -18.85 12.51 6.66
C ASP A 340 -18.75 11.11 6.07
N TYR A 341 -17.56 10.53 6.08
CA TYR A 341 -17.32 9.18 5.54
C TYR A 341 -18.03 8.12 6.40
N GLN A 342 -17.99 8.32 7.72
CA GLN A 342 -18.68 7.44 8.67
C GLN A 342 -20.20 7.51 8.52
N LYS A 343 -20.73 8.71 8.37
CA LYS A 343 -22.18 8.92 8.23
C LYS A 343 -22.74 8.29 6.96
N ALA A 344 -22.01 8.39 5.84
CA ALA A 344 -22.40 7.77 4.57
C ALA A 344 -22.48 6.24 4.64
N SER A 345 -21.56 5.63 5.40
CA SER A 345 -21.57 4.17 5.61
C SER A 345 -22.72 3.72 6.51
N GLU A 346 -23.04 4.53 7.53
CA GLU A 346 -24.14 4.23 8.47
C GLU A 346 -25.52 4.42 7.82
N VAL A 347 -25.67 5.45 7.00
CA VAL A 347 -26.92 5.72 6.29
C VAL A 347 -27.13 4.66 5.20
N ASN A 348 -26.20 4.60 4.25
CA ASN A 348 -26.17 3.58 3.19
C ASN A 348 -27.57 3.24 2.63
N PRO A 349 -28.16 4.17 1.85
CA PRO A 349 -29.55 4.01 1.40
C PRO A 349 -29.80 2.73 0.58
N PHE A 350 -30.68 1.88 1.09
CA PHE A 350 -31.09 0.64 0.39
C PHE A 350 -29.92 -0.26 0.00
N ASN A 351 -28.89 -0.27 0.85
CA ASN A 351 -27.64 -1.00 0.61
C ASN A 351 -26.99 -0.65 -0.75
N VAL A 352 -26.89 0.64 -1.02
CA VAL A 352 -26.23 1.14 -2.24
C VAL A 352 -24.73 0.85 -2.27
N GLU A 353 -24.12 0.60 -1.10
CA GLU A 353 -22.71 0.20 -0.98
C GLU A 353 -22.35 -0.93 -1.97
N THR A 354 -23.20 -1.95 -2.03
CA THR A 354 -23.06 -3.04 -3.00
C THR A 354 -21.70 -3.76 -2.82
N TRP A 355 -21.43 -4.14 -1.58
CA TRP A 355 -20.17 -4.78 -1.21
C TRP A 355 -20.45 -6.11 -0.49
N GLU A 356 -21.27 -6.94 -1.15
CA GLU A 356 -21.64 -8.26 -0.63
C GLU A 356 -20.79 -9.32 -1.30
N GLY A 357 -20.02 -10.06 -0.50
CA GLY A 357 -19.10 -11.09 -1.00
C GLY A 357 -19.75 -12.42 -1.36
N ASP A 358 -20.89 -12.73 -0.75
CA ASP A 358 -21.55 -14.03 -0.93
C ASP A 358 -22.39 -14.05 -2.21
N LEU A 359 -21.88 -14.75 -3.24
CA LEU A 359 -22.58 -14.91 -4.51
C LEU A 359 -23.03 -16.37 -4.71
N SER A 360 -23.53 -16.99 -3.63
CA SER A 360 -23.91 -18.42 -3.65
C SER A 360 -25.11 -18.68 -4.56
N LYS A 361 -26.16 -17.87 -4.41
CA LYS A 361 -27.38 -17.99 -5.21
C LYS A 361 -27.09 -17.81 -6.71
N PHE A 362 -26.25 -16.83 -7.04
CA PHE A 362 -25.84 -16.54 -8.41
C PHE A 362 -25.06 -17.73 -9.03
N ARG A 363 -24.14 -18.29 -8.24
CA ARG A 363 -23.38 -19.49 -8.65
C ARG A 363 -24.29 -20.73 -8.77
N LYS A 364 -25.14 -20.94 -7.77
CA LYS A 364 -26.01 -22.13 -7.67
C LYS A 364 -26.90 -22.34 -8.89
N ARG A 365 -27.55 -21.27 -9.35
CA ARG A 365 -28.43 -21.34 -10.54
C ARG A 365 -27.68 -21.44 -11.88
N GLY A 366 -26.38 -21.17 -11.88
CA GLY A 366 -25.53 -21.31 -13.05
C GLY A 366 -25.32 -20.03 -13.86
N SER A 367 -25.54 -18.88 -13.23
CA SER A 367 -25.33 -17.59 -13.89
C SER A 367 -23.83 -17.25 -13.97
N LYS A 368 -23.46 -16.51 -15.01
CA LYS A 368 -22.08 -16.08 -15.22
C LYS A 368 -21.98 -14.55 -15.11
N ILE A 369 -20.83 -14.06 -14.65
CA ILE A 369 -20.55 -12.62 -14.63
C ILE A 369 -19.12 -12.32 -15.09
N ILE A 370 -19.02 -11.45 -16.10
CA ILE A 370 -17.75 -10.89 -16.54
C ILE A 370 -17.62 -9.50 -15.92
N HIS A 371 -16.60 -9.36 -15.07
CA HIS A 371 -16.28 -8.11 -14.40
C HIS A 371 -15.03 -7.58 -15.10
N TRP A 372 -14.97 -6.28 -15.35
CA TRP A 372 -13.78 -5.70 -15.95
C TRP A 372 -13.58 -4.25 -15.49
N HIS A 373 -12.33 -3.80 -15.58
CA HIS A 373 -11.97 -2.44 -15.17
C HIS A 373 -10.75 -1.96 -15.95
N GLY A 374 -10.82 -0.72 -16.44
CA GLY A 374 -9.71 -0.08 -17.14
C GLY A 374 -8.67 0.39 -16.14
N LEU A 375 -7.39 0.15 -16.44
CA LEU A 375 -6.29 0.49 -15.54
C LEU A 375 -5.87 1.97 -15.58
N GLU A 376 -6.21 2.69 -16.66
CA GLU A 376 -6.07 4.15 -16.71
C GLU A 376 -7.25 4.92 -16.07
N ASP A 377 -8.26 4.20 -15.59
CA ASP A 377 -9.47 4.81 -15.04
C ASP A 377 -9.16 5.62 -13.77
N GLY A 378 -9.11 6.95 -13.94
CA GLY A 378 -8.86 7.89 -12.85
C GLY A 378 -10.09 8.45 -12.15
N LEU A 379 -11.28 8.11 -12.63
CA LEU A 379 -12.55 8.55 -12.03
C LEU A 379 -13.06 7.54 -10.99
N ILE A 380 -12.95 6.25 -11.32
CA ILE A 380 -13.19 5.16 -10.36
C ILE A 380 -11.93 4.29 -10.32
N SER A 381 -11.48 3.96 -9.11
CA SER A 381 -10.22 3.23 -8.93
C SER A 381 -10.36 1.75 -9.30
N SER A 382 -9.44 1.27 -10.13
CA SER A 382 -9.39 -0.16 -10.48
C SER A 382 -8.95 -1.04 -9.31
N ASP A 383 -8.23 -0.45 -8.36
CA ASP A 383 -7.86 -1.15 -7.11
C ASP A 383 -9.09 -1.57 -6.29
N ASN A 384 -10.18 -0.80 -6.39
CA ASN A 384 -11.44 -1.15 -5.74
C ASN A 384 -12.02 -2.47 -6.26
N SER A 385 -11.95 -2.67 -7.58
CA SER A 385 -12.42 -3.91 -8.22
C SER A 385 -11.56 -5.13 -7.85
N MET A 386 -10.26 -4.92 -7.72
CA MET A 386 -9.33 -5.95 -7.20
C MET A 386 -9.74 -6.39 -5.79
N GLU A 387 -10.00 -5.41 -4.93
CA GLU A 387 -10.40 -5.68 -3.54
C GLU A 387 -11.76 -6.39 -3.43
N TYR A 388 -12.67 -6.14 -4.37
CA TYR A 388 -13.95 -6.86 -4.37
C TYR A 388 -13.78 -8.34 -4.72
N TYR A 389 -12.96 -8.63 -5.73
CA TYR A 389 -12.64 -10.01 -6.10
C TYR A 389 -12.12 -10.80 -4.90
N ASN A 390 -11.18 -10.21 -4.18
CA ASN A 390 -10.59 -10.82 -2.99
C ASN A 390 -11.59 -10.91 -1.82
N HIS A 391 -12.46 -9.92 -1.69
CA HIS A 391 -13.56 -9.96 -0.72
C HIS A 391 -14.52 -11.13 -0.98
N VAL A 392 -14.82 -11.37 -2.26
CA VAL A 392 -15.68 -12.50 -2.66
C VAL A 392 -14.99 -13.83 -2.38
N SER A 393 -13.72 -13.94 -2.77
CA SER A 393 -12.90 -15.14 -2.53
C SER A 393 -12.83 -15.49 -1.05
N ALA A 394 -12.59 -14.48 -0.21
CA ALA A 394 -12.49 -14.66 1.24
C ALA A 394 -13.84 -14.96 1.91
N THR A 395 -14.91 -14.29 1.46
CA THR A 395 -16.25 -14.47 2.04
C THR A 395 -16.83 -15.84 1.73
N MET A 396 -16.78 -16.22 0.46
CA MET A 396 -17.35 -17.50 0.00
C MET A 396 -16.49 -18.72 0.34
N GLY A 397 -15.20 -18.52 0.66
CA GLY A 397 -14.28 -19.62 0.89
C GLY A 397 -14.01 -20.38 -0.39
N LEU A 398 -13.74 -19.64 -1.46
CA LEU A 398 -13.50 -20.21 -2.79
C LEU A 398 -12.24 -19.59 -3.38
N SER A 399 -11.34 -20.44 -3.90
CA SER A 399 -10.12 -19.98 -4.57
C SER A 399 -10.45 -19.36 -5.92
N ASN A 400 -9.46 -18.71 -6.52
CA ASN A 400 -9.62 -18.09 -7.84
C ASN A 400 -10.03 -19.10 -8.92
N THR A 401 -9.54 -20.34 -8.81
CA THR A 401 -9.90 -21.43 -9.72
C THR A 401 -11.38 -21.85 -9.58
N GLU A 402 -11.91 -21.82 -8.36
CA GLU A 402 -13.33 -22.08 -8.12
C GLU A 402 -14.21 -20.94 -8.62
N LEU A 403 -13.75 -19.70 -8.43
CA LEU A 403 -14.46 -18.52 -8.93
C LEU A 403 -14.52 -18.47 -10.46
N ASP A 404 -13.47 -18.97 -11.14
CA ASP A 404 -13.44 -19.07 -12.61
C ASP A 404 -14.68 -19.71 -13.25
N GLU A 405 -15.31 -20.64 -12.51
CA GLU A 405 -16.57 -21.28 -12.93
C GLU A 405 -17.66 -20.26 -13.30
N PHE A 406 -17.81 -19.22 -12.49
CA PHE A 406 -18.90 -18.23 -12.65
C PHE A 406 -18.52 -16.75 -12.67
N TYR A 407 -17.39 -16.38 -12.07
CA TYR A 407 -16.98 -14.99 -11.89
C TYR A 407 -15.52 -14.78 -12.30
N ARG A 408 -15.31 -13.93 -13.31
CA ARG A 408 -13.98 -13.59 -13.79
C ARG A 408 -13.83 -12.08 -13.93
N TYR A 409 -12.78 -11.53 -13.30
CA TYR A 409 -12.48 -10.09 -13.34
C TYR A 409 -11.26 -9.81 -14.22
N PHE A 410 -11.47 -9.06 -15.30
CA PHE A 410 -10.42 -8.74 -16.29
C PHE A 410 -9.85 -7.33 -16.11
N ARG A 411 -8.52 -7.23 -16.06
CA ARG A 411 -7.83 -5.94 -15.93
C ARG A 411 -7.35 -5.45 -17.29
N VAL A 412 -8.00 -4.40 -17.80
CA VAL A 412 -7.74 -3.88 -19.15
C VAL A 412 -6.69 -2.78 -19.10
N SER A 413 -5.46 -3.11 -19.47
CA SER A 413 -4.36 -2.15 -19.53
C SER A 413 -4.58 -1.11 -20.64
N GLY A 414 -4.25 0.15 -20.33
CA GLY A 414 -4.35 1.24 -21.29
C GLY A 414 -5.77 1.61 -21.69
N CYS A 415 -6.71 1.41 -20.76
CA CYS A 415 -8.12 1.74 -21.00
C CYS A 415 -8.62 2.64 -19.88
N GLY A 416 -9.38 3.68 -20.25
CA GLY A 416 -9.88 4.68 -19.32
C GLY A 416 -11.21 4.29 -18.72
N HIS A 417 -11.98 5.29 -18.31
CA HIS A 417 -13.30 5.08 -17.72
C HIS A 417 -14.32 4.72 -18.80
N CYS A 418 -14.63 3.43 -18.92
CA CYS A 418 -15.64 2.88 -19.83
C CYS A 418 -15.20 2.89 -21.32
N SER A 419 -14.67 4.01 -21.79
CA SER A 419 -14.04 4.12 -23.11
C SER A 419 -12.78 4.97 -23.01
N GLY A 420 -12.07 5.11 -24.13
CA GLY A 420 -10.85 5.93 -24.18
C GLY A 420 -9.63 5.21 -23.62
N GLY A 421 -8.56 5.97 -23.39
CA GLY A 421 -7.27 5.42 -23.00
C GLY A 421 -6.35 5.31 -24.20
N ILE A 422 -5.05 5.10 -23.94
CA ILE A 422 -4.03 5.13 -25.00
C ILE A 422 -3.49 3.75 -25.44
N GLY A 423 -4.01 2.67 -24.85
CA GLY A 423 -3.59 1.31 -25.19
C GLY A 423 -4.62 0.54 -25.99
N ALA A 424 -4.51 -0.78 -25.97
CA ALA A 424 -5.47 -1.67 -26.64
C ALA A 424 -6.75 -1.74 -25.81
N ASN A 425 -7.59 -0.73 -25.97
CA ASN A 425 -8.74 -0.48 -25.07
C ASN A 425 -10.10 -0.98 -25.57
N ARG A 426 -10.28 -1.08 -26.89
CA ARG A 426 -11.60 -1.40 -27.47
C ARG A 426 -11.96 -2.88 -27.29
N ILE A 427 -12.72 -3.16 -26.23
CA ILE A 427 -13.12 -4.53 -25.85
C ILE A 427 -14.60 -4.86 -26.13
N GLY A 428 -15.38 -3.88 -26.59
CA GLY A 428 -16.77 -4.11 -26.99
C GLY A 428 -17.81 -4.06 -25.89
N ASN A 429 -17.55 -3.29 -24.84
CA ASN A 429 -18.55 -3.06 -23.78
C ASN A 429 -19.67 -2.11 -24.23
N ASN A 430 -19.37 -1.24 -25.20
CA ASN A 430 -20.37 -0.35 -25.81
C ASN A 430 -19.90 0.11 -27.20
N ARG A 431 -20.73 0.91 -27.88
CA ARG A 431 -20.37 1.48 -29.21
C ARG A 431 -19.13 2.36 -29.18
N ALA A 432 -19.01 3.20 -28.16
CA ALA A 432 -17.87 4.10 -27.99
C ALA A 432 -16.54 3.36 -27.87
N ASN A 433 -16.55 2.18 -27.26
CA ASN A 433 -15.36 1.36 -27.08
C ASN A 433 -15.49 0.03 -27.84
N LEU A 434 -16.04 0.10 -29.04
CA LEU A 434 -16.29 -1.09 -29.88
C LEU A 434 -15.07 -1.39 -30.74
N GLY A 435 -14.64 -2.65 -30.73
CA GLY A 435 -13.58 -3.14 -31.61
C GLY A 435 -14.16 -4.18 -32.55
N GLY A 436 -13.70 -5.44 -32.42
CA GLY A 436 -14.20 -6.54 -33.24
C GLY A 436 -15.58 -7.03 -32.81
N LYS A 437 -16.16 -7.90 -33.64
CA LYS A 437 -17.47 -8.52 -33.37
C LYS A 437 -17.35 -10.03 -33.29
N GLU A 438 -16.43 -10.49 -32.44
CA GLU A 438 -16.20 -11.92 -32.17
C GLU A 438 -16.17 -12.12 -30.66
N ALA A 439 -16.39 -13.36 -30.22
CA ALA A 439 -16.41 -13.69 -28.78
C ALA A 439 -15.10 -13.33 -28.09
N LYS A 440 -13.98 -13.69 -28.70
CA LYS A 440 -12.65 -13.40 -28.15
C LYS A 440 -12.33 -11.89 -27.96
N ASN A 441 -12.91 -11.03 -28.80
CA ASN A 441 -12.63 -9.58 -28.79
C ASN A 441 -13.87 -8.67 -28.57
N ASN A 442 -15.00 -9.25 -28.14
CA ASN A 442 -16.21 -8.51 -27.80
C ASN A 442 -16.79 -9.13 -26.52
N VAL A 443 -16.73 -8.40 -25.41
CA VAL A 443 -17.15 -8.92 -24.10
C VAL A 443 -18.62 -9.30 -24.00
N LEU A 444 -19.48 -8.63 -24.78
CA LEU A 444 -20.91 -8.98 -24.84
C LEU A 444 -21.10 -10.33 -25.49
N LEU A 445 -20.40 -10.57 -26.60
CA LEU A 445 -20.40 -11.87 -27.28
C LEU A 445 -19.67 -12.96 -26.48
N ALA A 446 -18.64 -12.56 -25.73
CA ALA A 446 -17.94 -13.47 -24.81
C ALA A 446 -18.87 -14.00 -23.72
N LEU A 447 -19.71 -13.11 -23.18
CA LEU A 447 -20.72 -13.47 -22.18
C LEU A 447 -21.75 -14.46 -22.72
N VAL A 448 -22.18 -14.26 -23.97
CA VAL A 448 -23.17 -15.12 -24.62
C VAL A 448 -22.61 -16.52 -24.84
N LYS A 449 -21.37 -16.59 -25.35
CA LYS A 449 -20.70 -17.87 -25.60
C LYS A 449 -20.43 -18.66 -24.30
N TRP A 450 -20.17 -17.94 -23.20
CA TRP A 450 -19.95 -18.57 -21.88
C TRP A 450 -21.24 -19.16 -21.31
N VAL A 451 -22.33 -18.40 -21.37
CA VAL A 451 -23.62 -18.84 -20.83
C VAL A 451 -24.22 -19.99 -21.66
N GLU A 452 -24.16 -19.89 -22.99
CA GLU A 452 -24.87 -20.82 -23.88
C GLU A 452 -24.02 -22.00 -24.37
N GLU A 453 -22.78 -21.73 -24.80
CA GLU A 453 -21.87 -22.78 -25.30
C GLU A 453 -20.85 -23.28 -24.25
N GLY A 454 -20.85 -22.69 -23.06
CA GLY A 454 -19.94 -23.10 -21.99
C GLY A 454 -18.47 -22.74 -22.19
N GLN A 455 -18.19 -21.76 -23.08
CA GLN A 455 -16.82 -21.31 -23.35
C GLN A 455 -16.48 -20.16 -22.40
N ALA A 456 -15.81 -20.50 -21.29
CA ALA A 456 -15.36 -19.51 -20.33
C ALA A 456 -14.21 -18.68 -20.94
N PRO A 457 -14.29 -17.33 -20.83
CA PRO A 457 -13.22 -16.50 -21.40
C PRO A 457 -11.96 -16.54 -20.55
N GLU A 458 -10.86 -17.01 -21.14
CA GLU A 458 -9.55 -16.98 -20.48
C GLU A 458 -9.02 -15.56 -20.44
N THR A 459 -9.16 -14.86 -21.56
CA THR A 459 -8.83 -13.44 -21.69
C THR A 459 -9.96 -12.69 -22.38
N ILE A 460 -9.87 -11.36 -22.40
CA ILE A 460 -10.68 -10.52 -23.29
C ILE A 460 -9.75 -9.66 -24.12
N THR A 461 -9.84 -9.78 -25.44
CA THR A 461 -8.94 -9.07 -26.35
C THR A 461 -9.44 -7.64 -26.57
N GLY A 462 -8.54 -6.68 -26.39
CA GLY A 462 -8.79 -5.28 -26.71
C GLY A 462 -7.96 -4.89 -27.92
N VAL A 463 -8.36 -3.81 -28.60
CA VAL A 463 -7.63 -3.30 -29.78
C VAL A 463 -7.51 -1.78 -29.77
N ARG A 464 -6.49 -1.30 -30.47
CA ARG A 464 -6.33 0.11 -30.80
C ARG A 464 -6.10 0.19 -32.30
N TYR A 465 -6.97 0.93 -33.00
CA TYR A 465 -6.82 1.17 -34.44
C TYR A 465 -5.81 2.28 -34.69
N VAL A 466 -5.40 2.44 -35.94
CA VAL A 466 -4.35 3.41 -36.31
C VAL A 466 -4.83 4.84 -36.03
N ASN A 467 -3.96 5.63 -35.38
CA ASN A 467 -4.28 6.99 -34.93
C ASN A 467 -5.45 7.06 -33.93
N GLY A 468 -5.65 5.99 -33.17
CA GLY A 468 -6.77 5.89 -32.22
C GLY A 468 -8.13 6.11 -32.85
N ALA A 469 -8.33 5.54 -34.03
CA ALA A 469 -9.57 5.73 -34.80
C ALA A 469 -10.69 4.83 -34.27
N THR A 470 -11.90 5.07 -34.74
CA THR A 470 -13.07 4.26 -34.40
C THR A 470 -13.01 2.87 -35.05
N THR A 471 -12.47 2.81 -36.27
CA THR A 471 -12.30 1.55 -37.00
C THR A 471 -11.09 1.62 -37.94
N GLY A 472 -10.83 0.53 -38.66
CA GLY A 472 -9.77 0.46 -39.66
C GLY A 472 -8.71 -0.59 -39.34
N LYS A 473 -7.46 -0.28 -39.69
CA LYS A 473 -6.32 -1.18 -39.45
C LYS A 473 -6.00 -1.25 -37.96
N VAL A 474 -5.76 -2.46 -37.47
CA VAL A 474 -5.43 -2.68 -36.05
C VAL A 474 -3.96 -2.37 -35.80
N GLU A 475 -3.70 -1.37 -34.95
CA GLU A 475 -2.35 -0.95 -34.61
C GLU A 475 -1.77 -1.79 -33.48
N VAL A 476 -2.52 -1.88 -32.37
CA VAL A 476 -2.12 -2.62 -31.18
C VAL A 476 -3.26 -3.54 -30.74
N GLU A 477 -2.91 -4.77 -30.37
CA GLU A 477 -3.88 -5.75 -29.86
C GLU A 477 -3.25 -6.56 -28.72
N ARG A 478 -3.97 -6.66 -27.59
CA ARG A 478 -3.48 -7.39 -26.42
C ARG A 478 -4.61 -8.16 -25.72
N ARG A 479 -4.31 -9.39 -25.32
CA ARG A 479 -5.27 -10.26 -24.63
C ARG A 479 -5.17 -9.98 -23.12
N HIS A 480 -6.16 -9.25 -22.61
CA HIS A 480 -6.12 -8.74 -21.23
C HIS A 480 -6.48 -9.85 -20.24
N CYS A 481 -5.69 -9.92 -19.17
CA CYS A 481 -5.70 -11.07 -18.27
C CYS A 481 -6.76 -10.93 -17.20
N ARG A 482 -7.26 -12.08 -16.73
CA ARG A 482 -8.18 -12.12 -15.60
C ARG A 482 -7.39 -12.15 -14.29
N TYR A 483 -7.93 -11.55 -13.24
CA TYR A 483 -7.29 -11.49 -11.92
C TYR A 483 -7.29 -12.89 -11.29
N PRO A 484 -6.20 -13.36 -10.66
CA PRO A 484 -4.98 -12.58 -10.34
C PRO A 484 -3.79 -12.74 -11.31
N TYR A 485 -4.04 -13.09 -12.57
CA TYR A 485 -2.95 -13.24 -13.56
C TYR A 485 -2.37 -11.86 -13.91
N ARG A 486 -1.12 -11.88 -14.38
CA ARG A 486 -0.40 -10.66 -14.77
C ARG A 486 0.09 -10.81 -16.20
N ASN A 487 -0.06 -9.75 -16.99
CA ASN A 487 0.33 -9.80 -18.41
C ASN A 487 1.81 -9.47 -18.48
N VAL A 488 2.59 -10.43 -18.99
CA VAL A 488 4.05 -10.32 -19.04
C VAL A 488 4.53 -10.37 -20.48
N TRP A 489 5.33 -9.38 -20.86
CA TRP A 489 5.96 -9.34 -22.19
C TRP A 489 7.12 -10.34 -22.23
N ASP A 490 7.29 -11.02 -23.36
CA ASP A 490 8.25 -12.13 -23.49
C ASP A 490 9.72 -11.74 -23.77
N ARG A 491 10.00 -10.43 -23.87
CA ARG A 491 11.36 -9.90 -24.09
C ARG A 491 11.99 -10.32 -25.44
N LYS A 492 11.17 -10.35 -26.51
CA LYS A 492 11.67 -10.62 -27.87
C LYS A 492 10.71 -10.16 -28.98
N GLY A 493 9.45 -10.59 -28.90
CA GLY A 493 8.46 -10.24 -29.92
C GLY A 493 8.01 -8.79 -29.84
N ASN A 494 7.33 -8.34 -30.90
CA ASN A 494 6.79 -6.99 -30.96
C ASN A 494 5.68 -6.83 -29.93
N TYR A 495 5.80 -5.82 -29.07
CA TYR A 495 4.84 -5.60 -27.97
C TYR A 495 3.42 -5.29 -28.45
N LYS A 496 3.27 -4.79 -29.67
CA LYS A 496 1.95 -4.57 -30.27
C LYS A 496 1.23 -5.88 -30.63
N ASN A 497 2.00 -6.93 -30.89
CA ASN A 497 1.46 -8.26 -31.22
C ASN A 497 0.90 -8.95 -29.97
N PRO A 498 -0.32 -9.53 -30.05
CA PRO A 498 -0.88 -10.31 -28.93
C PRO A 498 -0.03 -11.49 -28.45
N ASP A 499 0.62 -12.18 -29.39
CA ASP A 499 1.39 -13.41 -29.09
C ASP A 499 2.68 -13.15 -28.31
N SER A 500 3.17 -11.91 -28.33
CA SER A 500 4.35 -11.51 -27.54
C SER A 500 4.07 -11.46 -26.04
N TRP A 501 2.82 -11.25 -25.64
CA TRP A 501 2.42 -11.21 -24.23
C TRP A 501 1.85 -12.55 -23.77
N LYS A 502 1.85 -12.74 -22.45
CA LYS A 502 1.42 -13.99 -21.82
C LYS A 502 0.87 -13.72 -20.42
N CYS A 503 -0.27 -14.33 -20.10
CA CYS A 503 -0.89 -14.20 -18.78
C CYS A 503 -0.21 -15.18 -17.84
N GLU A 504 0.37 -14.68 -16.75
CA GLU A 504 1.14 -15.52 -15.80
C GLU A 504 0.61 -15.41 -14.37
N LEU A 505 0.55 -16.57 -13.70
CA LEU A 505 0.23 -16.66 -12.28
C LEU A 505 1.17 -17.72 -11.67
N PRO A 506 2.36 -17.29 -11.20
CA PRO A 506 3.35 -18.22 -10.63
C PRO A 506 2.86 -18.98 -9.39
N LEU A 507 2.98 -20.31 -9.42
CA LEU A 507 2.58 -21.19 -8.31
C LEU A 507 3.74 -21.98 -7.66
N GLU A 508 4.81 -22.24 -8.42
CA GLU A 508 5.96 -22.99 -7.90
C GLU A 508 6.92 -22.08 -7.15
N ASP B 1 54.81 0.52 32.07
CA ASP B 1 54.00 -0.16 31.02
C ASP B 1 52.54 0.31 31.05
N PHE B 2 51.78 -0.11 30.04
CA PHE B 2 50.37 0.30 29.90
C PHE B 2 49.47 -0.18 31.06
N ALA B 3 49.77 -1.36 31.60
CA ALA B 3 49.04 -1.92 32.74
C ALA B 3 49.13 -1.05 34.00
N ALA B 4 50.32 -0.53 34.27
CA ALA B 4 50.55 0.40 35.38
C ALA B 4 49.85 1.74 35.17
N LYS B 5 49.89 2.23 33.92
CA LYS B 5 49.23 3.48 33.52
C LYS B 5 47.71 3.41 33.73
N CYS B 6 47.12 2.27 33.36
CA CYS B 6 45.69 2.03 33.54
C CYS B 6 45.28 1.94 35.01
N ALA B 7 46.06 1.24 35.82
CA ALA B 7 45.79 1.10 37.26
C ALA B 7 45.86 2.41 38.02
N GLY B 8 46.84 3.25 37.67
CA GLY B 8 46.99 4.59 38.25
C GLY B 8 45.90 5.58 37.88
N PHE B 9 45.25 5.36 36.73
CA PHE B 9 44.20 6.25 36.22
C PHE B 9 42.94 6.34 37.09
N LYS B 10 42.69 5.33 37.94
CA LYS B 10 41.60 5.37 38.93
C LYS B 10 41.72 6.57 39.88
N THR B 11 42.92 6.77 40.43
CA THR B 11 43.18 7.87 41.36
C THR B 11 43.21 9.25 40.67
N SER B 12 43.69 9.28 39.43
CA SER B 12 43.79 10.53 38.67
C SER B 12 42.44 11.07 38.20
N LEU B 13 41.62 10.18 37.63
CA LEU B 13 40.38 10.58 36.95
C LEU B 13 39.34 11.17 37.90
N LYS B 14 38.86 12.38 37.55
CA LYS B 14 37.77 13.04 38.25
C LYS B 14 36.86 13.70 37.22
N LEU B 15 35.61 13.24 37.15
CA LEU B 15 34.61 13.74 36.20
C LEU B 15 33.38 14.28 36.96
N PRO B 16 32.62 15.23 36.35
CA PRO B 16 31.45 15.80 37.02
C PRO B 16 30.33 14.79 37.29
N ASN B 17 29.86 14.75 38.54
CA ASN B 17 28.75 13.88 38.97
C ASN B 17 28.99 12.39 38.71
N THR B 18 30.26 11.96 38.80
CA THR B 18 30.67 10.61 38.43
C THR B 18 31.51 9.95 39.53
N LYS B 19 31.27 8.67 39.76
CA LYS B 19 32.01 7.85 40.72
C LYS B 19 32.69 6.72 39.94
N VAL B 20 34.02 6.67 40.00
CA VAL B 20 34.80 5.65 39.29
C VAL B 20 34.97 4.42 40.17
N TRP B 21 34.43 3.28 39.74
CA TRP B 21 34.53 2.03 40.50
C TRP B 21 35.93 1.41 40.41
N PHE B 22 36.42 1.26 39.17
CA PHE B 22 37.73 0.66 38.92
C PHE B 22 38.29 1.02 37.55
N THR B 23 39.58 0.72 37.36
CA THR B 23 40.23 0.82 36.05
C THR B 23 41.07 -0.44 35.81
N GLU B 24 40.44 -1.43 35.16
CA GLU B 24 41.03 -2.75 34.96
C GLU B 24 41.81 -2.85 33.66
N HIS B 25 43.06 -3.30 33.74
CA HIS B 25 43.86 -3.65 32.55
C HIS B 25 43.46 -5.04 32.06
N VAL B 26 43.31 -5.17 30.74
CA VAL B 26 42.97 -6.45 30.10
C VAL B 26 43.90 -6.66 28.91
N PRO B 27 44.71 -7.75 28.93
CA PRO B 27 45.53 -8.08 27.74
C PRO B 27 44.71 -8.50 26.52
N ALA B 28 45.38 -8.57 25.37
CA ALA B 28 44.77 -8.99 24.11
C ALA B 28 44.43 -10.48 24.17
N GLY B 29 43.19 -10.82 23.78
CA GLY B 29 42.71 -12.21 23.74
C GLY B 29 42.14 -12.76 25.05
N LYS B 30 41.92 -11.91 26.05
CA LYS B 30 41.40 -12.34 27.34
C LYS B 30 39.87 -12.38 27.35
N ASN B 31 39.32 -13.38 28.03
CA ASN B 31 37.87 -13.54 28.20
C ASN B 31 37.41 -12.70 29.38
N ILE B 32 36.80 -11.56 29.09
CA ILE B 32 36.27 -10.66 30.14
C ILE B 32 34.88 -11.16 30.54
N THR B 33 34.65 -11.31 31.84
CA THR B 33 33.33 -11.70 32.38
C THR B 33 32.64 -10.50 33.04
N PHE B 34 31.31 -10.56 33.09
CA PHE B 34 30.48 -9.48 33.64
C PHE B 34 29.54 -10.02 34.72
N PRO B 35 30.09 -10.31 35.92
CA PRO B 35 29.29 -10.92 37.00
C PRO B 35 28.25 -9.99 37.64
N ASP B 36 28.51 -8.68 37.64
CA ASP B 36 27.54 -7.69 38.14
C ASP B 36 26.43 -7.35 37.13
N ASN B 37 26.54 -7.83 35.90
CA ASN B 37 25.55 -7.59 34.85
C ASN B 37 24.20 -8.21 35.23
N HIS B 38 23.11 -7.56 34.82
CA HIS B 38 21.76 -7.97 35.19
C HIS B 38 21.44 -9.37 34.62
N PRO B 39 20.68 -10.21 35.36
CA PRO B 39 20.34 -11.57 34.87
C PRO B 39 19.75 -11.63 33.46
N THR B 40 18.84 -10.71 33.15
CA THR B 40 18.24 -10.61 31.81
C THR B 40 19.16 -10.06 30.71
N CYS B 41 20.23 -9.37 31.10
CA CYS B 41 21.14 -8.72 30.14
C CYS B 41 22.09 -9.73 29.50
N THR B 42 22.48 -9.45 28.25
CA THR B 42 23.49 -10.23 27.53
C THR B 42 24.47 -9.27 26.82
N PRO B 43 25.73 -9.68 26.59
CA PRO B 43 26.27 -10.99 26.94
C PRO B 43 26.82 -11.04 28.37
N LYS B 44 27.01 -12.26 28.87
CA LYS B 44 27.64 -12.49 30.18
C LYS B 44 29.17 -12.51 30.12
N SER B 45 29.74 -12.59 28.92
CA SER B 45 31.19 -12.47 28.71
C SER B 45 31.52 -12.09 27.27
N THR B 46 32.75 -11.62 27.06
CA THR B 46 33.22 -11.24 25.71
C THR B 46 34.75 -11.25 25.62
N ILE B 47 35.26 -11.59 24.44
CA ILE B 47 36.70 -11.63 24.17
C ILE B 47 37.15 -10.28 23.62
N THR B 48 38.10 -9.64 24.30
CA THR B 48 38.80 -8.48 23.74
C THR B 48 39.93 -8.98 22.82
N ASP B 49 39.99 -8.42 21.60
CA ASP B 49 41.01 -8.80 20.62
C ASP B 49 42.29 -7.98 20.72
N VAL B 50 42.27 -6.89 21.49
CA VAL B 50 43.45 -6.03 21.72
C VAL B 50 43.59 -5.66 23.19
N GLU B 51 44.76 -5.14 23.55
CA GLU B 51 45.02 -4.65 24.89
C GLU B 51 44.22 -3.38 25.16
N ILE B 52 43.52 -3.35 26.29
CA ILE B 52 42.64 -2.22 26.65
C ILE B 52 42.76 -1.85 28.13
N CYS B 53 42.21 -0.69 28.45
CA CYS B 53 42.01 -0.23 29.83
C CYS B 53 40.51 -0.05 30.06
N ARG B 54 39.93 -0.92 30.88
CA ARG B 54 38.49 -0.94 31.14
C ARG B 54 38.13 -0.06 32.35
N VAL B 55 37.58 1.13 32.08
CA VAL B 55 37.15 2.05 33.13
C VAL B 55 35.64 1.92 33.32
N ALA B 56 35.21 1.63 34.54
CA ALA B 56 33.78 1.52 34.90
C ALA B 56 33.37 2.65 35.83
N MET B 57 32.18 3.21 35.62
CA MET B 57 31.72 4.42 36.31
C MET B 57 30.23 4.38 36.69
N PHE B 58 29.88 5.23 37.66
CA PHE B 58 28.49 5.49 38.05
C PHE B 58 28.25 6.98 37.92
N VAL B 59 27.32 7.37 37.05
CA VAL B 59 27.05 8.78 36.74
C VAL B 59 25.65 9.17 37.24
N THR B 60 25.56 10.25 38.01
CA THR B 60 24.29 10.79 38.50
C THR B 60 23.74 11.83 37.51
N THR B 61 22.57 11.54 36.93
CA THR B 61 21.90 12.44 35.99
C THR B 61 20.81 13.30 36.65
N GLY B 62 20.23 12.82 37.74
CA GLY B 62 19.23 13.59 38.50
C GLY B 62 19.05 13.07 39.91
N PRO B 63 18.03 13.60 40.64
CA PRO B 63 17.71 13.16 42.00
C PRO B 63 17.43 11.66 42.15
N LYS B 64 16.71 11.08 41.19
CA LYS B 64 16.37 9.65 41.21
C LYS B 64 16.70 8.96 39.88
N SER B 65 17.81 9.35 39.26
CA SER B 65 18.23 8.80 37.97
C SER B 65 19.76 8.74 37.87
N ASN B 66 20.26 7.74 37.16
CA ASN B 66 21.69 7.51 37.03
C ASN B 66 22.05 6.54 35.91
N LEU B 67 23.30 6.60 35.48
CA LEU B 67 23.82 5.73 34.42
C LEU B 67 24.96 4.85 34.95
N THR B 68 25.20 3.77 34.23
CA THR B 68 26.40 2.95 34.40
C THR B 68 27.16 3.08 33.08
N LEU B 69 28.27 3.80 33.11
CA LEU B 69 29.08 4.06 31.93
C LEU B 69 30.39 3.29 32.02
N GLU B 70 30.74 2.57 30.96
CA GLU B 70 32.05 1.95 30.82
C GLU B 70 32.79 2.55 29.64
N ALA B 71 34.12 2.67 29.77
CA ALA B 71 34.98 3.20 28.71
C ALA B 71 36.17 2.25 28.51
N TRP B 72 36.24 1.64 27.33
CA TRP B 72 37.31 0.71 26.98
C TRP B 72 38.33 1.45 26.10
N LEU B 73 39.51 1.71 26.66
CA LEU B 73 40.53 2.54 26.03
C LEU B 73 41.69 1.69 25.50
N PRO B 74 41.82 1.56 24.16
CA PRO B 74 42.89 0.70 23.63
C PRO B 74 44.29 1.33 23.72
N SER B 75 45.31 0.49 23.87
CA SER B 75 46.71 0.93 23.88
C SER B 75 47.12 1.40 22.48
N ASN B 76 46.82 0.58 21.48
CA ASN B 76 46.96 0.98 20.06
C ASN B 76 45.78 1.87 19.68
N TRP B 77 45.87 3.14 20.08
CA TRP B 77 44.81 4.11 19.88
C TRP B 77 45.03 4.88 18.57
N THR B 78 44.03 4.84 17.69
CA THR B 78 44.07 5.56 16.41
C THR B 78 43.88 7.07 16.57
N GLY B 79 43.22 7.47 17.66
CA GLY B 79 42.80 8.86 17.88
C GLY B 79 41.29 9.01 17.93
N ARG B 80 40.58 8.00 17.43
CA ARG B 80 39.12 8.09 17.24
C ARG B 80 38.36 7.77 18.52
N PHE B 81 37.17 8.36 18.64
CA PHE B 81 36.24 8.09 19.74
C PHE B 81 34.98 7.42 19.19
N LEU B 82 34.46 6.44 19.94
CA LEU B 82 33.25 5.71 19.57
C LEU B 82 32.28 5.59 20.74
N SER B 83 30.98 5.71 20.43
CA SER B 83 29.91 5.46 21.39
CA SER B 83 29.91 5.46 21.39
C SER B 83 29.02 4.33 20.87
N THR B 84 28.50 3.52 21.79
CA THR B 84 27.60 2.42 21.45
C THR B 84 26.19 2.75 21.92
N GLY B 85 25.23 1.94 21.48
CA GLY B 85 23.82 2.12 21.82
C GLY B 85 23.27 0.97 22.63
N ASN B 86 21.95 0.83 22.61
CA ASN B 86 21.23 -0.17 23.40
C ASN B 86 20.21 -0.90 22.52
N GLY B 87 19.46 -1.84 23.13
CA GLY B 87 18.42 -2.61 22.42
C GLY B 87 17.13 -2.68 23.20
N GLY B 88 16.00 -2.73 22.48
CA GLY B 88 14.67 -2.85 23.09
C GLY B 88 14.36 -1.77 24.11
N MET B 89 13.75 -2.17 25.22
CA MET B 89 13.58 -1.30 26.40
C MET B 89 14.76 -1.45 27.36
N ALA B 90 15.80 -2.17 26.96
CA ALA B 90 16.80 -2.66 27.90
C ALA B 90 17.76 -1.59 28.35
N GLY B 91 18.27 -1.81 29.55
CA GLY B 91 19.43 -1.12 30.06
C GLY B 91 20.54 -2.13 30.21
N CYS B 92 21.17 -2.45 29.08
CA CYS B 92 22.28 -3.39 29.04
C CYS B 92 23.37 -2.72 28.21
N ILE B 93 24.59 -2.65 28.74
CA ILE B 93 25.74 -2.19 27.95
C ILE B 93 26.05 -3.29 26.94
N GLN B 94 25.98 -2.95 25.66
CA GLN B 94 26.21 -3.92 24.58
C GLN B 94 27.71 -4.15 24.43
N TYR B 95 28.23 -5.04 25.28
CA TYR B 95 29.67 -5.27 25.44
C TYR B 95 30.38 -5.81 24.19
N ASP B 96 29.67 -6.60 23.37
CA ASP B 96 30.23 -7.06 22.09
C ASP B 96 30.52 -5.89 21.14
N ASP B 97 29.61 -4.92 21.09
CA ASP B 97 29.81 -3.68 20.30
C ASP B 97 30.95 -2.81 20.83
N VAL B 98 31.15 -2.80 22.15
CA VAL B 98 32.26 -2.05 22.77
C VAL B 98 33.61 -2.72 22.46
N ALA B 99 33.66 -4.04 22.55
CA ALA B 99 34.85 -4.82 22.18
C ALA B 99 35.16 -4.73 20.68
N TYR B 100 34.10 -4.72 19.87
CA TYR B 100 34.21 -4.52 18.41
C TYR B 100 34.93 -3.22 18.08
N GLY B 101 34.54 -2.13 18.76
CA GLY B 101 35.15 -0.81 18.59
C GLY B 101 36.60 -0.76 19.07
N ALA B 102 36.84 -1.27 20.27
CA ALA B 102 38.19 -1.37 20.83
C ALA B 102 39.15 -2.10 19.87
N GLY B 103 38.66 -3.18 19.25
CA GLY B 103 39.42 -3.94 18.25
C GLY B 103 39.95 -3.16 17.05
N PHE B 104 39.23 -2.12 16.64
CA PHE B 104 39.68 -1.21 15.57
C PHE B 104 40.39 0.06 16.09
N GLY B 105 40.82 0.05 17.35
CA GLY B 105 41.51 1.19 17.95
C GLY B 105 40.66 2.39 18.33
N PHE B 106 39.33 2.22 18.40
CA PHE B 106 38.44 3.28 18.89
C PHE B 106 38.48 3.29 20.42
N ALA B 107 38.58 4.49 20.99
CA ALA B 107 38.30 4.69 22.41
C ALA B 107 36.77 4.62 22.57
N THR B 108 36.29 3.43 22.92
CA THR B 108 34.85 3.12 22.85
C THR B 108 34.19 3.19 24.22
N VAL B 109 33.00 3.80 24.28
CA VAL B 109 32.19 3.87 25.50
C VAL B 109 30.80 3.27 25.30
N GLY B 110 30.18 2.88 26.41
CA GLY B 110 28.83 2.32 26.39
C GLY B 110 28.12 2.51 27.73
N ALA B 111 26.93 3.10 27.69
CA ALA B 111 26.11 3.31 28.90
C ALA B 111 24.97 2.29 28.95
N ASN B 112 24.29 2.23 30.09
CA ASN B 112 23.17 1.30 30.30
C ASN B 112 21.78 1.92 30.06
N ASN B 113 21.72 3.07 29.38
CA ASN B 113 20.46 3.70 29.00
C ASN B 113 19.58 4.21 30.18
N GLY B 114 20.14 4.30 31.38
CA GLY B 114 19.43 4.84 32.54
C GLY B 114 18.85 3.86 33.57
N HIS B 115 18.93 2.56 33.29
CA HIS B 115 18.48 1.54 34.24
C HIS B 115 19.16 0.19 33.95
N ASN B 116 18.82 -0.83 34.74
CA ASN B 116 19.32 -2.19 34.54
C ASN B 116 18.21 -3.17 34.21
N GLY B 117 18.48 -4.08 33.29
CA GLY B 117 17.54 -5.12 32.88
C GLY B 117 16.79 -4.80 31.60
N THR B 118 16.12 -5.81 31.05
CA THR B 118 15.36 -5.68 29.81
C THR B 118 13.98 -5.03 29.99
N SER B 119 13.48 -4.99 31.23
CA SER B 119 12.17 -4.40 31.54
C SER B 119 12.23 -2.88 31.58
N ALA B 120 11.07 -2.25 31.39
CA ALA B 120 10.91 -0.79 31.50
C ALA B 120 10.17 -0.39 32.78
N VAL B 121 10.13 -1.29 33.77
CA VAL B 121 9.39 -1.04 35.03
C VAL B 121 9.96 0.13 35.85
N SER B 122 11.27 0.35 35.74
CA SER B 122 11.94 1.47 36.40
C SER B 122 11.53 2.86 35.86
N MET B 123 10.95 2.91 34.67
CA MET B 123 10.40 4.16 34.12
C MET B 123 9.11 4.64 34.80
N TYR B 124 8.41 3.73 35.48
CA TYR B 124 7.16 4.06 36.19
C TYR B 124 7.36 5.14 37.25
N LYS B 125 6.68 6.28 37.06
CA LYS B 125 6.77 7.44 37.97
C LYS B 125 8.20 7.97 38.18
N ASN B 126 9.02 7.88 37.13
CA ASN B 126 10.41 8.35 37.17
C ASN B 126 10.79 8.90 35.78
N SER B 127 10.56 10.20 35.60
CA SER B 127 10.85 10.88 34.34
C SER B 127 12.36 11.01 34.07
N GLY B 128 13.17 11.05 35.12
CA GLY B 128 14.63 11.04 34.98
C GLY B 128 15.17 9.78 34.33
N VAL B 129 14.59 8.63 34.69
CA VAL B 129 14.92 7.35 34.07
C VAL B 129 14.46 7.33 32.60
N VAL B 130 13.28 7.90 32.32
CA VAL B 130 12.76 8.02 30.96
C VAL B 130 13.63 8.96 30.12
N GLU B 131 14.06 10.07 30.72
CA GLU B 131 14.91 11.06 30.04
C GLU B 131 16.27 10.47 29.65
N ASP B 132 16.82 9.61 30.50
CA ASP B 132 18.05 8.85 30.19
C ASP B 132 17.84 7.86 29.05
N TYR B 133 16.68 7.18 29.06
CA TYR B 133 16.33 6.26 27.97
C TYR B 133 16.21 6.98 26.62
N VAL B 134 15.51 8.11 26.60
CA VAL B 134 15.19 8.82 25.35
C VAL B 134 16.41 9.46 24.70
N TYR B 135 17.21 10.20 25.48
CA TYR B 135 18.40 10.89 24.94
C TYR B 135 19.60 11.06 25.88
N ARG B 136 19.37 11.24 27.19
CA ARG B 136 20.41 11.74 28.09
C ARG B 136 21.54 10.75 28.40
N SER B 137 21.26 9.45 28.33
CA SER B 137 22.31 8.44 28.58
C SER B 137 23.40 8.45 27.52
N VAL B 138 23.01 8.36 26.25
CA VAL B 138 23.97 8.36 25.13
C VAL B 138 24.70 9.71 25.03
N HIS B 139 23.97 10.81 25.28
CA HIS B 139 24.55 12.15 25.29
C HIS B 139 25.58 12.36 26.41
N THR B 140 25.22 11.98 27.63
CA THR B 140 26.10 12.16 28.80
C THR B 140 27.35 11.27 28.69
N GLY B 141 27.16 10.02 28.29
CA GLY B 141 28.28 9.09 28.04
C GLY B 141 29.28 9.59 27.00
N THR B 142 28.78 10.30 25.99
CA THR B 142 29.62 10.90 24.95
C THR B 142 30.41 12.11 25.49
N VAL B 143 29.76 12.97 26.26
CA VAL B 143 30.41 14.15 26.84
C VAL B 143 31.49 13.75 27.84
N LEU B 144 31.15 12.84 28.76
CA LEU B 144 32.10 12.29 29.72
C LEU B 144 33.16 11.40 29.06
N GLY B 145 32.74 10.67 28.01
CA GLY B 145 33.65 9.81 27.25
C GLY B 145 34.79 10.56 26.58
N LYS B 146 34.47 11.70 25.95
CA LYS B 146 35.48 12.55 25.31
C LYS B 146 36.44 13.17 26.33
N GLU B 147 35.89 13.68 27.43
CA GLU B 147 36.68 14.23 28.54
C GLU B 147 37.62 13.18 29.13
N LEU B 148 37.07 12.00 29.42
CA LEU B 148 37.83 10.85 29.94
C LEU B 148 38.94 10.41 28.98
N THR B 149 38.63 10.35 27.69
CA THR B 149 39.61 10.02 26.65
C THR B 149 40.75 11.03 26.62
N LYS B 150 40.41 12.32 26.74
CA LYS B 150 41.42 13.39 26.77
C LYS B 150 42.34 13.28 27.99
N LYS B 151 41.79 12.95 29.15
CA LYS B 151 42.57 12.79 30.38
C LYS B 151 43.50 11.58 30.35
N PHE B 152 43.06 10.48 29.75
CA PHE B 152 43.84 9.25 29.68
C PHE B 152 45.06 9.37 28.76
N TYR B 153 44.81 9.70 27.49
CA TYR B 153 45.88 9.78 26.48
C TYR B 153 46.68 11.09 26.50
N GLY B 154 46.13 12.13 27.12
CA GLY B 154 46.77 13.44 27.18
C GLY B 154 46.62 14.30 25.94
N LYS B 155 45.64 13.96 25.09
CA LYS B 155 45.33 14.75 23.89
C LYS B 155 43.89 14.51 23.45
N LYS B 156 43.31 15.47 22.74
CA LYS B 156 41.93 15.38 22.27
C LYS B 156 41.76 14.27 21.22
N HIS B 157 40.54 13.75 21.12
CA HIS B 157 40.17 12.81 20.06
C HIS B 157 40.17 13.52 18.70
N THR B 158 40.45 12.77 17.65
CA THR B 158 40.46 13.30 16.28
C THR B 158 39.04 13.44 15.75
N LYS B 159 38.31 12.33 15.71
CA LYS B 159 36.93 12.29 15.20
C LYS B 159 36.03 11.43 16.11
N SER B 160 34.77 11.85 16.22
CA SER B 160 33.78 11.19 17.08
C SER B 160 32.80 10.39 16.23
N TYR B 161 32.55 9.14 16.61
CA TYR B 161 31.68 8.21 15.86
C TYR B 161 30.63 7.56 16.76
N TYR B 162 29.53 7.14 16.16
CA TYR B 162 28.48 6.36 16.84
C TYR B 162 28.12 5.11 16.04
N LEU B 163 27.83 4.02 16.76
CA LEU B 163 27.43 2.75 16.16
C LEU B 163 26.32 2.13 17.00
N GLY B 164 25.14 1.96 16.40
CA GLY B 164 23.98 1.41 17.11
C GLY B 164 22.95 0.78 16.20
N CYS B 165 22.17 -0.14 16.78
CA CYS B 165 21.13 -0.89 16.06
C CYS B 165 19.89 -1.09 16.92
N SER B 166 18.72 -1.20 16.26
CA SER B 166 17.40 -1.36 16.91
C SER B 166 17.02 -0.09 17.70
N THR B 167 16.95 -0.15 19.03
CA THR B 167 16.92 1.06 19.87
C THR B 167 18.17 1.92 19.66
N GLY B 168 19.31 1.26 19.46
CA GLY B 168 20.56 1.95 19.12
C GLY B 168 20.52 2.79 17.86
N GLY B 169 19.71 2.37 16.89
CA GLY B 169 19.50 3.13 15.66
C GLY B 169 18.67 4.38 15.88
N ARG B 170 17.69 4.32 16.79
CA ARG B 170 16.88 5.49 17.14
C ARG B 170 17.74 6.49 17.92
N GLN B 171 18.53 5.97 18.86
CA GLN B 171 19.48 6.79 19.63
C GLN B 171 20.50 7.49 18.71
N GLY B 172 20.97 6.78 17.70
CA GLY B 172 21.84 7.38 16.66
C GLY B 172 21.18 8.50 15.89
N TRP B 173 19.91 8.31 15.54
CA TRP B 173 19.11 9.36 14.87
C TRP B 173 18.74 10.50 15.81
N LYS B 174 18.53 10.19 17.09
CA LYS B 174 18.28 11.22 18.11
C LYS B 174 19.45 12.19 18.20
N GLU B 175 20.67 11.65 18.11
CA GLU B 175 21.88 12.46 18.10
C GLU B 175 21.98 13.30 16.82
N ALA B 176 21.76 12.68 15.66
CA ALA B 176 21.75 13.40 14.38
C ALA B 176 20.74 14.56 14.37
N GLN B 177 19.53 14.29 14.87
CA GLN B 177 18.43 15.26 14.87
C GLN B 177 18.60 16.37 15.91
N SER B 178 18.85 15.99 17.17
CA SER B 178 18.80 16.91 18.32
C SER B 178 20.14 17.30 18.97
N PHE B 179 21.19 16.51 18.76
CA PHE B 179 22.53 16.80 19.30
C PHE B 179 23.59 16.68 18.20
N PRO B 180 23.51 17.56 17.18
CA PRO B 180 24.38 17.45 15.99
C PRO B 180 25.90 17.51 16.26
N ASP B 181 26.30 18.26 17.28
CA ASP B 181 27.72 18.46 17.59
C ASP B 181 28.43 17.26 18.24
N ASP B 182 27.67 16.30 18.77
CA ASP B 182 28.26 15.14 19.46
C ASP B 182 29.03 14.17 18.57
N PHE B 183 28.62 14.02 17.30
CA PHE B 183 29.23 13.03 16.40
C PHE B 183 29.53 13.56 15.00
N ASP B 184 30.69 13.17 14.48
CA ASP B 184 31.09 13.42 13.09
C ASP B 184 30.53 12.34 12.17
N GLY B 185 30.49 11.10 12.66
CA GLY B 185 29.93 9.97 11.92
C GLY B 185 28.92 9.22 12.77
N ILE B 186 27.84 8.75 12.15
CA ILE B 186 26.82 7.92 12.83
C ILE B 186 26.43 6.73 11.96
N VAL B 187 26.41 5.54 12.56
CA VAL B 187 25.80 4.35 11.94
C VAL B 187 24.52 4.03 12.71
N ALA B 188 23.38 4.16 12.04
CA ALA B 188 22.07 3.86 12.63
C ALA B 188 21.44 2.68 11.90
N GLY B 189 21.43 1.52 12.55
CA GLY B 189 20.88 0.30 11.97
C GLY B 189 19.47 0.02 12.46
N ALA B 190 18.63 -0.53 11.57
CA ALA B 190 17.27 -0.96 11.90
C ALA B 190 16.57 -0.10 12.96
N PRO B 191 16.53 1.23 12.75
CA PRO B 191 16.24 2.15 13.84
C PRO B 191 14.80 2.08 14.35
N ALA B 192 14.65 2.09 15.68
CA ALA B 192 13.34 2.12 16.31
C ALA B 192 12.77 3.55 16.39
N MET B 193 12.94 4.33 15.33
CA MET B 193 12.40 5.69 15.24
C MET B 193 10.92 5.63 14.90
N ARG B 194 10.23 6.76 15.08
CA ARG B 194 8.77 6.79 15.21
C ARG B 194 8.36 5.84 16.33
N PHE B 195 9.03 6.00 17.48
CA PHE B 195 9.01 5.03 18.58
C PHE B 195 7.61 4.77 19.14
N ASN B 196 6.83 5.83 19.34
CA ASN B 196 5.45 5.69 19.82
C ASN B 196 4.58 4.95 18.81
N GLY B 197 4.78 5.27 17.53
CA GLY B 197 4.15 4.54 16.43
C GLY B 197 4.57 3.09 16.33
N LEU B 198 5.84 2.81 16.62
CA LEU B 198 6.36 1.42 16.68
C LEU B 198 5.72 0.61 17.81
N GLN B 199 5.58 1.22 18.99
CA GLN B 199 4.93 0.54 20.13
C GLN B 199 3.45 0.32 19.88
N SER B 200 2.82 1.31 19.22
CA SER B 200 1.43 1.17 18.74
C SER B 200 1.30 0.04 17.70
N ARG B 201 2.21 0.00 16.74
CA ARG B 201 2.29 -1.07 15.73
C ARG B 201 2.44 -2.45 16.37
N SER B 202 3.43 -2.59 17.24
CA SER B 202 3.72 -3.86 17.91
C SER B 202 2.57 -4.33 18.80
N GLY B 203 1.95 -3.38 19.51
CA GLY B 203 0.78 -3.67 20.35
C GLY B 203 -0.49 -4.00 19.59
N SER B 204 -0.66 -3.40 18.40
CA SER B 204 -1.86 -3.61 17.59
C SER B 204 -2.04 -5.04 17.08
N PHE B 205 -0.94 -5.78 16.92
CA PHE B 205 -1.00 -7.16 16.39
C PHE B 205 -1.80 -8.10 17.27
N TRP B 206 -1.69 -7.95 18.59
CA TRP B 206 -2.48 -8.72 19.54
C TRP B 206 -3.99 -8.43 19.40
N GLY B 207 -4.32 -7.16 19.14
CA GLY B 207 -5.69 -6.76 18.85
C GLY B 207 -6.22 -7.32 17.53
N ILE B 208 -5.35 -7.41 16.54
CA ILE B 208 -5.69 -7.96 15.21
C ILE B 208 -5.82 -9.49 15.25
N THR B 209 -4.83 -10.17 15.81
CA THR B 209 -4.79 -11.65 15.81
C THR B 209 -5.69 -12.27 16.88
N GLY B 210 -5.57 -11.78 18.12
CA GLY B 210 -6.25 -12.36 19.27
C GLY B 210 -5.47 -13.55 19.85
N PRO B 211 -6.03 -14.21 20.89
CA PRO B 211 -5.37 -15.38 21.47
C PRO B 211 -5.43 -16.63 20.57
N PRO B 212 -4.61 -17.67 20.87
CA PRO B 212 -4.56 -18.93 20.12
C PRO B 212 -5.91 -19.53 19.68
N GLY B 213 -6.92 -19.46 20.53
CA GLY B 213 -8.23 -20.03 20.24
C GLY B 213 -9.11 -19.27 19.26
N ALA B 214 -8.83 -17.98 19.04
CA ALA B 214 -9.68 -17.11 18.23
C ALA B 214 -9.62 -17.45 16.73
N PRO B 215 -10.69 -17.13 15.97
CA PRO B 215 -10.69 -17.44 14.52
C PRO B 215 -9.71 -16.60 13.71
N THR B 216 -9.38 -15.40 14.19
CA THR B 216 -8.44 -14.49 13.54
C THR B 216 -6.96 -14.85 13.76
N HIS B 217 -6.68 -15.71 14.75
CA HIS B 217 -5.32 -16.09 15.11
C HIS B 217 -4.69 -17.06 14.12
N LEU B 218 -3.38 -16.89 13.87
CA LEU B 218 -2.59 -17.81 13.07
C LEU B 218 -1.50 -18.42 13.95
N SER B 219 -1.35 -19.74 13.88
CA SER B 219 -0.29 -20.45 14.60
C SER B 219 1.07 -20.18 13.94
N PRO B 220 2.18 -20.57 14.62
CA PRO B 220 3.51 -20.47 13.99
C PRO B 220 3.67 -21.24 12.66
N GLU B 221 2.97 -22.38 12.55
CA GLU B 221 2.98 -23.17 11.31
C GLU B 221 2.19 -22.49 10.19
N GLU B 222 1.10 -21.81 10.57
CA GLU B 222 0.28 -21.06 9.61
C GLU B 222 0.99 -19.79 9.11
N TRP B 223 1.73 -19.11 10.00
CA TRP B 223 2.59 -17.99 9.58
C TRP B 223 3.73 -18.45 8.65
N ALA B 224 4.28 -19.63 8.94
CA ALA B 224 5.33 -20.22 8.08
C ALA B 224 4.80 -20.55 6.67
N MET B 225 3.56 -21.05 6.62
CA MET B 225 2.86 -21.30 5.36
C MET B 225 2.66 -20.00 4.56
N VAL B 226 2.26 -18.93 5.25
CA VAL B 226 2.05 -17.63 4.62
C VAL B 226 3.34 -17.09 4.01
N GLN B 227 4.45 -17.16 4.76
CA GLN B 227 5.74 -16.65 4.30
C GLN B 227 6.32 -17.46 3.14
N LYS B 228 6.00 -18.76 3.08
CA LYS B 228 6.37 -19.60 1.94
C LYS B 228 5.58 -19.20 0.68
N ASN B 229 4.30 -18.88 0.85
CA ASN B 229 3.44 -18.43 -0.26
C ASN B 229 3.80 -17.01 -0.72
N VAL B 230 4.36 -16.19 0.17
CA VAL B 230 4.91 -14.88 -0.21
C VAL B 230 6.02 -15.04 -1.25
N LEU B 231 6.89 -16.04 -1.05
CA LEU B 231 7.97 -16.32 -2.00
C LEU B 231 7.45 -16.73 -3.38
N VAL B 232 6.36 -17.49 -3.39
CA VAL B 232 5.70 -17.89 -4.64
C VAL B 232 5.23 -16.66 -5.42
N GLN B 233 4.54 -15.76 -4.72
CA GLN B 233 3.99 -14.55 -5.34
C GLN B 233 5.02 -13.46 -5.63
N CYS B 234 6.00 -13.28 -4.75
CA CYS B 234 6.83 -12.07 -4.76
C CYS B 234 8.34 -12.26 -4.97
N ASP B 235 8.88 -13.48 -4.88
CA ASP B 235 10.34 -13.67 -4.97
C ASP B 235 10.83 -13.65 -6.43
N GLU B 236 10.69 -14.77 -7.15
CA GLU B 236 11.16 -14.87 -8.54
C GLU B 236 10.43 -13.94 -9.51
N PRO B 237 9.08 -13.79 -9.36
CA PRO B 237 8.35 -12.91 -10.29
C PRO B 237 8.76 -11.43 -10.27
N LEU B 238 9.29 -10.93 -9.14
CA LEU B 238 9.57 -9.50 -8.98
C LEU B 238 11.06 -9.13 -9.12
N ASP B 239 11.98 -10.04 -8.79
CA ASP B 239 13.43 -9.81 -9.01
C ASP B 239 14.15 -10.85 -9.92
N GLY B 240 13.41 -11.85 -10.41
CA GLY B 240 13.98 -12.85 -11.32
C GLY B 240 14.92 -13.88 -10.72
N VAL B 241 15.03 -13.92 -9.38
CA VAL B 241 15.99 -14.79 -8.69
C VAL B 241 15.28 -15.51 -7.54
N ALA B 242 15.03 -16.81 -7.74
CA ALA B 242 14.37 -17.64 -6.74
C ALA B 242 15.37 -18.08 -5.67
N ASP B 243 15.65 -17.17 -4.74
CA ASP B 243 16.63 -17.39 -3.66
C ASP B 243 16.05 -17.29 -2.25
N GLY B 244 14.72 -17.20 -2.14
CA GLY B 244 14.05 -16.97 -0.86
C GLY B 244 14.24 -15.56 -0.30
N ILE B 245 14.66 -14.62 -1.15
CA ILE B 245 15.03 -13.27 -0.74
C ILE B 245 14.32 -12.27 -1.66
N LEU B 246 13.48 -11.42 -1.07
CA LEU B 246 12.83 -10.34 -1.79
C LEU B 246 13.80 -9.15 -1.84
N GLU B 247 14.22 -8.79 -3.05
CA GLU B 247 15.23 -7.76 -3.26
C GLU B 247 14.67 -6.35 -3.08
N ASP B 248 13.42 -6.15 -3.52
CA ASP B 248 12.68 -4.91 -3.28
C ASP B 248 11.24 -5.25 -2.85
N PRO B 249 10.99 -5.30 -1.52
CA PRO B 249 9.64 -5.53 -0.99
C PRO B 249 8.56 -4.47 -1.32
N ASN B 250 8.96 -3.28 -1.78
CA ASN B 250 8.01 -2.26 -2.25
C ASN B 250 7.13 -2.74 -3.40
N LEU B 251 7.68 -3.59 -4.26
CA LEU B 251 6.94 -4.17 -5.39
C LEU B 251 5.92 -5.23 -4.98
N CYS B 252 6.10 -5.83 -3.80
CA CYS B 252 5.25 -6.94 -3.34
C CYS B 252 4.01 -6.49 -2.57
N GLN B 253 2.84 -6.66 -3.22
CA GLN B 253 1.54 -6.58 -2.56
C GLN B 253 1.02 -8.02 -2.47
N TYR B 254 1.15 -8.62 -1.29
CA TYR B 254 0.81 -10.03 -1.10
C TYR B 254 -0.71 -10.23 -1.07
N ARG B 255 -1.17 -11.31 -1.71
CA ARG B 255 -2.59 -11.64 -1.79
C ARG B 255 -2.79 -12.94 -1.03
N PRO B 256 -3.23 -12.86 0.26
CA PRO B 256 -3.42 -14.07 1.08
C PRO B 256 -4.62 -14.96 0.70
N GLU B 257 -5.45 -14.51 -0.24
CA GLU B 257 -6.61 -15.29 -0.70
C GLU B 257 -6.21 -16.50 -1.56
N ALA B 258 -4.96 -16.55 -2.02
CA ALA B 258 -4.41 -17.74 -2.68
C ALA B 258 -4.40 -18.99 -1.77
N LEU B 259 -4.31 -18.77 -0.45
CA LEU B 259 -4.36 -19.86 0.53
C LEU B 259 -5.74 -20.05 1.17
N VAL B 260 -6.81 -19.56 0.52
CA VAL B 260 -8.17 -19.63 1.08
C VAL B 260 -8.65 -21.08 1.23
N CYS B 261 -9.40 -21.33 2.31
CA CYS B 261 -9.87 -22.68 2.63
C CYS B 261 -11.08 -23.01 1.76
N SER B 262 -10.96 -24.04 0.92
CA SER B 262 -12.10 -24.56 0.14
C SER B 262 -13.04 -25.36 1.05
N LYS B 263 -14.20 -25.73 0.51
CA LYS B 263 -15.20 -26.50 1.27
C LYS B 263 -14.67 -27.89 1.60
N GLY B 264 -14.80 -28.28 2.88
CA GLY B 264 -14.30 -29.56 3.37
C GLY B 264 -12.78 -29.58 3.51
N GLN B 265 -12.24 -28.53 4.12
CA GLN B 265 -10.78 -28.39 4.31
C GLN B 265 -10.50 -27.48 5.52
N THR B 266 -9.72 -28.00 6.46
CA THR B 266 -9.29 -27.25 7.65
C THR B 266 -7.78 -27.32 7.91
N LYS B 267 -7.01 -27.72 6.88
CA LYS B 267 -5.58 -27.99 7.03
C LYS B 267 -4.81 -27.43 5.82
N ASN B 268 -3.69 -26.76 6.11
CA ASN B 268 -2.85 -26.08 5.10
C ASN B 268 -3.64 -25.04 4.28
N CYS B 269 -4.40 -24.21 5.00
CA CYS B 269 -5.22 -23.16 4.40
C CYS B 269 -5.62 -22.09 5.42
N LEU B 270 -6.10 -20.96 4.91
CA LEU B 270 -6.52 -19.82 5.74
C LEU B 270 -8.02 -19.57 5.61
N THR B 271 -8.67 -19.32 6.75
CA THR B 271 -10.09 -18.95 6.77
C THR B 271 -10.24 -17.46 6.41
N GLY B 272 -11.49 -17.01 6.27
CA GLY B 272 -11.81 -15.61 6.03
C GLY B 272 -11.23 -14.64 7.05
N PRO B 273 -11.45 -14.91 8.36
CA PRO B 273 -10.83 -14.12 9.44
C PRO B 273 -9.30 -14.13 9.43
N GLN B 274 -8.69 -15.28 9.16
CA GLN B 274 -7.23 -15.39 9.04
C GLN B 274 -6.66 -14.59 7.86
N ILE B 275 -7.38 -14.58 6.74
CA ILE B 275 -7.02 -13.76 5.58
C ILE B 275 -7.04 -12.26 5.93
N GLU B 276 -8.06 -11.84 6.66
CA GLU B 276 -8.17 -10.46 7.15
C GLU B 276 -7.02 -10.08 8.10
N THR B 277 -6.60 -11.03 8.93
CA THR B 277 -5.46 -10.84 9.83
C THR B 277 -4.15 -10.63 9.08
N VAL B 278 -3.92 -11.40 8.02
CA VAL B 278 -2.70 -11.28 7.20
C VAL B 278 -2.66 -9.93 6.46
N ARG B 279 -3.81 -9.49 5.94
CA ARG B 279 -3.89 -8.18 5.26
C ARG B 279 -3.63 -7.00 6.20
N LYS B 280 -4.08 -7.11 7.46
CA LYS B 280 -3.84 -6.07 8.47
C LYS B 280 -2.40 -6.07 8.99
N VAL B 281 -1.82 -7.26 9.17
CA VAL B 281 -0.41 -7.39 9.55
C VAL B 281 0.51 -6.90 8.43
N PHE B 282 0.20 -7.25 7.18
CA PHE B 282 0.91 -6.71 6.01
C PHE B 282 0.23 -5.44 5.45
N GLY B 283 -0.34 -4.62 6.34
CA GLY B 283 -1.00 -3.37 5.96
C GLY B 283 -0.72 -2.28 6.97
N PRO B 284 -0.96 -1.00 6.59
CA PRO B 284 -0.65 0.11 7.48
C PRO B 284 -1.60 0.20 8.68
N LEU B 285 -1.12 0.84 9.74
CA LEU B 285 -1.94 1.13 10.92
C LEU B 285 -2.38 2.59 10.88
N TYR B 286 -3.69 2.81 10.85
CA TYR B 286 -4.29 4.14 10.99
C TYR B 286 -5.08 4.19 12.29
N GLY B 287 -5.37 5.41 12.74
CA GLY B 287 -6.03 5.66 14.02
C GLY B 287 -7.20 6.61 13.92
N ASN B 288 -7.43 7.39 14.97
CA ASN B 288 -8.57 8.31 15.06
C ASN B 288 -8.48 9.43 14.02
N ASN B 289 -9.63 9.83 13.48
CA ASN B 289 -9.75 10.88 12.47
C ASN B 289 -8.91 10.63 11.20
N GLY B 290 -8.77 9.36 10.82
CA GLY B 290 -8.01 8.96 9.64
C GLY B 290 -6.51 9.22 9.69
N THR B 291 -5.95 9.36 10.88
CA THR B 291 -4.54 9.69 11.06
C THR B 291 -3.64 8.47 10.87
N TYR B 292 -2.44 8.70 10.35
CA TYR B 292 -1.49 7.63 10.03
C TYR B 292 -0.56 7.39 11.20
N ILE B 293 -0.48 6.14 11.67
CA ILE B 293 0.33 5.77 12.84
C ILE B 293 1.66 5.16 12.42
N TYR B 294 1.61 4.08 11.65
CA TYR B 294 2.81 3.29 11.30
C TYR B 294 2.55 2.41 10.07
N PRO B 295 3.59 2.15 9.25
CA PRO B 295 3.41 1.25 8.09
C PRO B 295 3.21 -0.24 8.40
N ARG B 296 3.07 -1.02 7.34
CA ARG B 296 3.03 -2.48 7.42
C ARG B 296 4.36 -3.08 7.87
N ILE B 297 4.31 -4.33 8.34
CA ILE B 297 5.45 -5.22 8.29
C ILE B 297 5.44 -5.77 6.87
N PRO B 298 6.55 -5.62 6.11
CA PRO B 298 6.53 -6.09 4.72
C PRO B 298 6.46 -7.62 4.61
N PRO B 299 5.85 -8.15 3.53
CA PRO B 299 5.89 -9.60 3.29
C PRO B 299 7.32 -10.13 3.12
N GLY B 300 7.56 -11.36 3.58
CA GLY B 300 8.90 -11.97 3.55
C GLY B 300 9.76 -11.69 4.78
N ALA B 301 9.32 -10.75 5.63
CA ALA B 301 10.09 -10.31 6.78
C ALA B 301 9.72 -11.11 8.02
N ASP B 302 10.31 -12.31 8.14
CA ASP B 302 9.98 -13.26 9.21
C ASP B 302 11.01 -13.35 10.35
N GLN B 303 12.14 -12.65 10.22
CA GLN B 303 13.19 -12.68 11.26
C GLN B 303 12.79 -11.76 12.42
N GLY B 304 12.62 -12.35 13.60
CA GLY B 304 12.11 -11.63 14.77
C GLY B 304 10.61 -11.38 14.77
N PHE B 305 9.90 -12.12 13.93
CA PHE B 305 8.45 -11.95 13.73
C PHE B 305 7.66 -12.48 14.93
N GLY B 306 8.10 -13.60 15.49
CA GLY B 306 7.41 -14.26 16.60
C GLY B 306 7.38 -13.55 17.94
N PHE B 307 8.22 -12.54 18.14
CA PHE B 307 8.26 -11.81 19.42
C PHE B 307 7.04 -10.94 19.65
N ALA B 308 6.73 -10.08 18.68
CA ALA B 308 5.56 -9.20 18.74
C ALA B 308 4.27 -9.94 18.36
N ILE B 309 4.35 -10.78 17.34
CA ILE B 309 3.22 -11.56 16.81
C ILE B 309 3.36 -13.01 17.26
N GLY B 310 2.79 -13.33 18.41
CA GLY B 310 2.92 -14.67 19.01
C GLY B 310 1.71 -15.11 19.82
N GLU B 311 1.96 -15.94 20.84
CA GLU B 311 0.89 -16.57 21.63
C GLU B 311 0.42 -15.69 22.78
N GLN B 312 1.32 -14.87 23.31
CA GLN B 312 1.00 -13.92 24.39
C GLN B 312 1.03 -12.48 23.86
N PRO B 313 0.57 -11.51 24.68
CA PRO B 313 0.77 -10.10 24.32
C PRO B 313 2.26 -9.69 24.34
N PHE B 314 2.63 -8.75 23.47
CA PHE B 314 4.02 -8.28 23.39
C PHE B 314 4.34 -7.47 24.66
N PRO B 315 5.26 -7.96 25.51
CA PRO B 315 5.47 -7.30 26.82
C PRO B 315 5.93 -5.84 26.77
N TYR B 316 6.80 -5.51 25.81
CA TYR B 316 7.47 -4.21 25.80
C TYR B 316 6.56 -3.06 25.34
N SER B 317 5.63 -3.34 24.42
CA SER B 317 4.59 -2.37 24.07
C SER B 317 3.61 -2.18 25.23
N THR B 318 3.24 -3.30 25.86
CA THR B 318 2.38 -3.27 27.07
C THR B 318 3.01 -2.47 28.21
N GLU B 319 4.31 -2.68 28.44
CA GLU B 319 5.06 -1.91 29.46
C GLU B 319 5.16 -0.42 29.11
N TRP B 320 5.26 -0.10 27.82
CA TRP B 320 5.27 1.29 27.35
C TRP B 320 3.97 2.00 27.70
N PHE B 321 2.84 1.40 27.34
CA PHE B 321 1.52 1.99 27.61
C PHE B 321 1.17 2.02 29.10
N GLN B 322 1.54 0.98 29.84
CA GLN B 322 1.25 0.90 31.28
C GLN B 322 2.02 1.94 32.09
N TYR B 323 3.34 1.93 31.95
CA TYR B 323 4.22 2.71 32.84
C TYR B 323 4.50 4.15 32.38
N VAL B 324 4.54 4.37 31.07
CA VAL B 324 4.99 5.66 30.50
C VAL B 324 3.85 6.53 29.95
N ILE B 325 2.94 5.93 29.17
CA ILE B 325 1.89 6.68 28.46
C ILE B 325 0.69 6.94 29.38
N TRP B 326 0.02 5.87 29.81
CA TRP B 326 -1.19 5.98 30.65
C TRP B 326 -0.90 6.07 32.16
N ASN B 327 0.28 5.59 32.58
CA ASN B 327 0.66 5.56 34.01
C ASN B 327 -0.34 4.75 34.84
N ASP B 328 -0.69 3.57 34.31
CA ASP B 328 -1.71 2.70 34.88
C ASP B 328 -1.31 1.24 34.64
N THR B 329 -0.97 0.52 35.71
CA THR B 329 -0.46 -0.85 35.61
C THR B 329 -1.54 -1.90 35.30
N LYS B 330 -2.82 -1.52 35.42
CA LYS B 330 -3.95 -2.39 35.06
C LYS B 330 -4.48 -2.12 33.63
N TRP B 331 -3.71 -1.41 32.80
CA TRP B 331 -4.06 -1.19 31.40
C TRP B 331 -4.00 -2.52 30.63
N ASP B 332 -5.07 -2.84 29.92
CA ASP B 332 -5.23 -4.14 29.28
C ASP B 332 -4.70 -4.11 27.84
N PRO B 333 -3.74 -4.99 27.49
CA PRO B 333 -3.31 -5.09 26.09
C PRO B 333 -4.36 -5.73 25.16
N ASN B 334 -5.30 -6.49 25.72
CA ASN B 334 -6.40 -7.08 24.95
C ASN B 334 -7.28 -6.03 24.27
N THR B 335 -7.53 -4.92 24.96
CA THR B 335 -8.44 -3.87 24.49
C THR B 335 -7.75 -2.69 23.76
N ILE B 336 -6.56 -2.92 23.20
CA ILE B 336 -5.79 -1.87 22.53
C ILE B 336 -6.51 -1.33 21.29
N GLY B 337 -6.34 -0.03 21.02
CA GLY B 337 -6.99 0.62 19.89
C GLY B 337 -6.49 2.02 19.57
N PRO B 338 -7.17 2.73 18.65
CA PRO B 338 -6.87 4.11 18.25
C PRO B 338 -6.65 5.12 19.38
N ASN B 339 -7.43 5.02 20.46
CA ASN B 339 -7.29 5.94 21.61
C ASN B 339 -5.92 5.82 22.30
N ASP B 340 -5.38 4.61 22.31
CA ASP B 340 -4.03 4.36 22.84
C ASP B 340 -2.95 4.89 21.91
N TYR B 341 -3.14 4.70 20.60
CA TYR B 341 -2.15 5.16 19.60
C TYR B 341 -2.08 6.68 19.59
N GLN B 342 -3.24 7.33 19.71
CA GLN B 342 -3.33 8.79 19.80
C GLN B 342 -2.65 9.34 21.06
N LYS B 343 -2.91 8.70 22.20
CA LYS B 343 -2.33 9.14 23.48
C LYS B 343 -0.80 9.05 23.51
N ALA B 344 -0.25 7.98 22.95
CA ALA B 344 1.21 7.80 22.89
C ALA B 344 1.90 8.88 22.05
N SER B 345 1.30 9.24 20.90
CA SER B 345 1.81 10.32 20.06
C SER B 345 1.65 11.71 20.73
N GLU B 346 0.60 11.87 21.53
CA GLU B 346 0.37 13.11 22.28
C GLU B 346 1.26 13.26 23.50
N VAL B 347 1.53 12.17 24.22
CA VAL B 347 2.42 12.20 25.39
C VAL B 347 3.88 12.34 24.92
N ASN B 348 4.37 11.35 24.18
CA ASN B 348 5.67 11.43 23.49
C ASN B 348 6.81 11.95 24.40
N PRO B 349 7.21 11.15 25.42
CA PRO B 349 8.18 11.61 26.42
C PRO B 349 9.51 12.11 25.83
N PHE B 350 9.79 13.41 26.04
CA PHE B 350 11.03 14.06 25.58
C PHE B 350 11.32 13.85 24.08
N ASN B 351 10.24 13.80 23.28
CA ASN B 351 10.31 13.56 21.84
C ASN B 351 11.01 12.23 21.50
N VAL B 352 10.59 11.17 22.18
CA VAL B 352 11.08 9.81 21.89
C VAL B 352 10.68 9.34 20.49
N GLU B 353 9.63 9.94 19.93
CA GLU B 353 9.24 9.71 18.52
C GLU B 353 10.44 9.74 17.58
N THR B 354 11.32 10.71 17.76
CA THR B 354 12.59 10.82 17.01
C THR B 354 12.30 10.85 15.50
N TRP B 355 11.38 11.73 15.11
CA TRP B 355 10.88 11.82 13.73
C TRP B 355 11.05 13.25 13.19
N GLU B 356 12.16 13.89 13.55
CA GLU B 356 12.51 15.23 13.07
C GLU B 356 13.09 15.13 11.66
N GLY B 357 12.40 15.72 10.69
CA GLY B 357 12.83 15.69 9.29
C GLY B 357 13.96 16.65 8.93
N ASP B 358 14.18 17.68 9.76
CA ASP B 358 15.16 18.72 9.46
C ASP B 358 16.53 18.39 10.07
N LEU B 359 17.50 18.08 9.19
CA LEU B 359 18.87 17.77 9.60
C LEU B 359 19.85 18.85 9.13
N SER B 360 19.46 20.12 9.25
CA SER B 360 20.27 21.25 8.78
C SER B 360 21.57 21.43 9.57
N LYS B 361 21.47 21.34 10.90
CA LYS B 361 22.63 21.52 11.78
C LYS B 361 23.65 20.41 11.60
N PHE B 362 23.16 19.18 11.47
CA PHE B 362 23.99 18.00 11.17
C PHE B 362 24.65 18.12 9.79
N ARG B 363 23.90 18.64 8.82
CA ARG B 363 24.39 18.85 7.45
C ARG B 363 25.46 19.93 7.35
N LYS B 364 25.16 21.13 7.85
CA LYS B 364 26.08 22.28 7.77
C LYS B 364 27.39 22.09 8.54
N ARG B 365 27.34 21.33 9.64
CA ARG B 365 28.52 20.98 10.42
C ARG B 365 29.50 20.09 9.65
N GLY B 366 28.97 19.28 8.73
CA GLY B 366 29.77 18.35 7.93
C GLY B 366 29.79 16.91 8.43
N SER B 367 28.84 16.57 9.31
CA SER B 367 28.73 15.21 9.84
C SER B 367 28.07 14.28 8.82
N LYS B 368 28.37 12.98 8.93
CA LYS B 368 27.87 11.95 8.02
C LYS B 368 27.04 10.92 8.79
N ILE B 369 26.02 10.37 8.14
CA ILE B 369 25.20 9.30 8.73
C ILE B 369 24.90 8.19 7.72
N ILE B 370 25.32 6.97 8.05
CA ILE B 370 24.98 5.76 7.30
C ILE B 370 23.79 5.09 7.99
N HIS B 371 22.65 5.13 7.33
CA HIS B 371 21.40 4.53 7.79
C HIS B 371 21.23 3.21 7.05
N TRP B 372 20.85 2.15 7.76
CA TRP B 372 20.60 0.86 7.12
C TRP B 372 19.49 0.06 7.81
N HIS B 373 18.91 -0.87 7.07
CA HIS B 373 17.82 -1.71 7.57
C HIS B 373 17.79 -3.03 6.80
N GLY B 374 17.60 -4.13 7.51
CA GLY B 374 17.47 -5.45 6.90
C GLY B 374 16.06 -5.65 6.34
N LEU B 375 15.97 -6.17 5.12
CA LEU B 375 14.67 -6.37 4.46
C LEU B 375 13.93 -7.65 4.88
N GLU B 376 14.57 -8.52 5.67
CA GLU B 376 13.89 -9.62 6.36
C GLU B 376 13.47 -9.27 7.80
N ASP B 377 13.66 -8.01 8.21
CA ASP B 377 13.40 -7.58 9.59
C ASP B 377 11.90 -7.56 9.90
N GLY B 378 11.45 -8.57 10.64
CA GLY B 378 10.06 -8.68 11.09
C GLY B 378 9.74 -8.01 12.42
N LEU B 379 10.76 -7.57 13.16
CA LEU B 379 10.55 -6.90 14.45
C LEU B 379 10.29 -5.41 14.27
N ILE B 380 11.18 -4.74 13.54
CA ILE B 380 11.02 -3.34 13.14
C ILE B 380 10.92 -3.28 11.62
N SER B 381 9.85 -2.66 11.12
CA SER B 381 9.57 -2.62 9.69
C SER B 381 10.56 -1.73 8.92
N SER B 382 11.12 -2.27 7.84
CA SER B 382 12.02 -1.53 6.96
C SER B 382 11.30 -0.44 6.15
N ASP B 383 9.98 -0.58 5.99
CA ASP B 383 9.15 0.46 5.37
C ASP B 383 9.14 1.77 6.16
N ASN B 384 9.30 1.69 7.49
CA ASN B 384 9.40 2.87 8.34
C ASN B 384 10.66 3.70 8.08
N SER B 385 11.77 3.02 7.81
CA SER B 385 13.04 3.67 7.46
C SER B 385 12.97 4.37 6.10
N MET B 386 12.36 3.70 5.13
CA MET B 386 12.06 4.29 3.82
C MET B 386 11.23 5.58 3.94
N GLU B 387 10.20 5.55 4.78
CA GLU B 387 9.33 6.71 5.00
C GLU B 387 10.04 7.88 5.68
N TYR B 388 11.01 7.58 6.55
CA TYR B 388 11.83 8.63 7.17
C TYR B 388 12.72 9.34 6.15
N TYR B 389 13.33 8.56 5.25
CA TYR B 389 14.16 9.13 4.17
C TYR B 389 13.36 10.15 3.35
N ASN B 390 12.14 9.76 2.97
CA ASN B 390 11.24 10.63 2.20
C ASN B 390 10.69 11.79 3.04
N HIS B 391 10.50 11.56 4.34
CA HIS B 391 10.16 12.64 5.28
C HIS B 391 11.26 13.70 5.38
N VAL B 392 12.52 13.26 5.35
CA VAL B 392 13.68 14.17 5.39
C VAL B 392 13.82 14.94 4.07
N SER B 393 13.69 14.22 2.94
CA SER B 393 13.76 14.83 1.61
C SER B 393 12.72 15.93 1.41
N ALA B 394 11.48 15.66 1.82
CA ALA B 394 10.39 16.63 1.73
C ALA B 394 10.58 17.83 2.67
N THR B 395 10.98 17.55 3.91
CA THR B 395 11.16 18.59 4.94
C THR B 395 12.32 19.53 4.62
N MET B 396 13.47 18.96 4.24
CA MET B 396 14.66 19.75 3.91
C MET B 396 14.66 20.34 2.49
N GLY B 397 13.74 19.88 1.64
CA GLY B 397 13.64 20.35 0.26
C GLY B 397 14.85 19.96 -0.57
N LEU B 398 15.32 18.73 -0.36
CA LEU B 398 16.54 18.22 -0.99
C LEU B 398 16.25 16.91 -1.72
N SER B 399 16.78 16.78 -2.93
CA SER B 399 16.66 15.55 -3.71
C SER B 399 17.58 14.46 -3.13
N ASN B 400 17.45 13.25 -3.66
CA ASN B 400 18.28 12.11 -3.21
C ASN B 400 19.79 12.35 -3.42
N THR B 401 20.15 13.02 -4.51
CA THR B 401 21.56 13.35 -4.80
C THR B 401 22.12 14.41 -3.86
N GLU B 402 21.27 15.37 -3.45
CA GLU B 402 21.64 16.36 -2.43
C GLU B 402 21.81 15.71 -1.06
N LEU B 403 20.92 14.79 -0.71
CA LEU B 403 21.03 14.00 0.54
C LEU B 403 22.24 13.07 0.56
N ASP B 404 22.64 12.55 -0.60
CA ASP B 404 23.84 11.68 -0.72
C ASP B 404 25.13 12.27 -0.16
N GLU B 405 25.22 13.59 -0.06
CA GLU B 405 26.40 14.26 0.53
C GLU B 405 26.61 13.96 2.02
N PHE B 406 25.53 13.86 2.79
CA PHE B 406 25.61 13.62 4.23
C PHE B 406 24.80 12.43 4.78
N TYR B 407 23.78 11.96 4.05
CA TYR B 407 22.84 10.96 4.56
C TYR B 407 22.47 9.95 3.47
N ARG B 408 22.90 8.70 3.66
CA ARG B 408 22.58 7.59 2.76
C ARG B 408 21.90 6.46 3.53
N TYR B 409 20.78 5.95 2.99
CA TYR B 409 20.02 4.85 3.58
C TYR B 409 20.15 3.59 2.71
N PHE B 410 20.77 2.55 3.27
CA PHE B 410 21.01 1.29 2.55
C PHE B 410 20.01 0.20 2.92
N ARG B 411 19.31 -0.33 1.90
CA ARG B 411 18.40 -1.45 2.07
C ARG B 411 19.16 -2.76 1.84
N VAL B 412 19.36 -3.52 2.92
CA VAL B 412 20.14 -4.76 2.90
C VAL B 412 19.19 -5.95 2.73
N SER B 413 19.18 -6.52 1.52
CA SER B 413 18.37 -7.70 1.22
C SER B 413 18.88 -8.94 1.94
N GLY B 414 17.96 -9.79 2.37
CA GLY B 414 18.29 -11.05 3.02
C GLY B 414 18.91 -10.92 4.41
N CYS B 415 18.69 -9.80 5.08
CA CYS B 415 19.22 -9.54 6.43
C CYS B 415 18.08 -9.31 7.41
N GLY B 416 18.21 -9.88 8.60
CA GLY B 416 17.17 -9.81 9.62
C GLY B 416 17.33 -8.58 10.50
N HIS B 417 16.84 -8.68 11.73
CA HIS B 417 16.95 -7.58 12.69
C HIS B 417 18.35 -7.55 13.32
N CYS B 418 19.18 -6.64 12.83
CA CYS B 418 20.55 -6.37 13.34
C CYS B 418 21.58 -7.45 12.96
N SER B 419 21.20 -8.71 12.99
CA SER B 419 21.98 -9.82 12.44
C SER B 419 21.03 -10.85 11.82
N GLY B 420 21.57 -11.98 11.38
CA GLY B 420 20.77 -13.08 10.88
C GLY B 420 20.20 -12.83 9.48
N GLY B 421 19.25 -13.67 9.08
CA GLY B 421 18.71 -13.66 7.73
C GLY B 421 19.38 -14.72 6.87
N ILE B 422 18.79 -15.01 5.71
CA ILE B 422 19.25 -16.11 4.85
C ILE B 422 20.02 -15.67 3.58
N GLY B 423 20.26 -14.37 3.42
CA GLY B 423 21.02 -13.84 2.27
C GLY B 423 22.38 -13.32 2.65
N ALA B 424 22.91 -12.43 1.81
CA ALA B 424 24.21 -11.78 2.05
C ALA B 424 24.06 -10.67 3.10
N ASN B 425 24.00 -11.09 4.37
CA ASN B 425 23.60 -10.22 5.49
C ASN B 425 24.75 -9.54 6.22
N ARG B 426 25.92 -10.18 6.25
CA ARG B 426 27.04 -9.72 7.07
C ARG B 426 27.70 -8.46 6.51
N ILE B 427 27.32 -7.31 7.07
CA ILE B 427 27.78 -5.99 6.59
C ILE B 427 28.75 -5.27 7.55
N GLY B 428 29.03 -5.87 8.72
CA GLY B 428 30.00 -5.31 9.68
C GLY B 428 29.48 -4.26 10.65
N ASN B 429 28.18 -4.31 10.95
CA ASN B 429 27.57 -3.40 11.94
C ASN B 429 27.85 -3.82 13.39
N ASN B 430 28.04 -5.13 13.60
CA ASN B 430 28.47 -5.67 14.89
C ASN B 430 29.24 -6.99 14.68
N ARG B 431 29.70 -7.61 15.76
CA ARG B 431 30.41 -8.91 15.67
C ARG B 431 29.52 -10.05 15.18
N ALA B 432 28.27 -10.08 15.62
CA ALA B 432 27.30 -11.11 15.20
C ALA B 432 27.00 -11.08 13.70
N ASN B 433 27.11 -9.89 13.08
CA ASN B 433 26.87 -9.71 11.65
C ASN B 433 28.15 -9.21 10.94
N LEU B 434 29.30 -9.71 11.39
CA LEU B 434 30.61 -9.30 10.86
C LEU B 434 30.96 -10.14 9.64
N GLY B 435 31.42 -9.48 8.58
CA GLY B 435 31.96 -10.15 7.39
C GLY B 435 33.41 -9.76 7.18
N GLY B 436 33.67 -8.92 6.17
CA GLY B 436 35.02 -8.44 5.87
C GLY B 436 35.45 -7.30 6.79
N LYS B 437 36.73 -6.95 6.70
CA LYS B 437 37.32 -5.85 7.49
C LYS B 437 37.92 -4.80 6.56
N GLU B 438 37.11 -4.34 5.60
CA GLU B 438 37.49 -3.29 4.65
C GLU B 438 36.34 -2.29 4.50
N ALA B 439 36.67 -1.09 4.02
CA ALA B 439 35.68 -0.02 3.86
C ALA B 439 34.46 -0.41 3.02
N LYS B 440 34.70 -1.10 1.91
CA LYS B 440 33.63 -1.53 1.00
C LYS B 440 32.66 -2.56 1.61
N ASN B 441 33.15 -3.39 2.53
CA ASN B 441 32.36 -4.49 3.12
C ASN B 441 32.23 -4.44 4.65
N ASN B 442 32.52 -3.28 5.25
CA ASN B 442 32.34 -3.05 6.69
C ASN B 442 31.81 -1.62 6.86
N VAL B 443 30.57 -1.50 7.33
CA VAL B 443 29.90 -0.19 7.46
C VAL B 443 30.54 0.78 8.46
N LEU B 444 31.20 0.24 9.49
CA LEU B 444 31.94 1.08 10.45
C LEU B 444 33.17 1.71 9.82
N LEU B 445 33.92 0.91 9.06
CA LEU B 445 35.08 1.40 8.30
C LEU B 445 34.67 2.28 7.13
N ALA B 446 33.50 2.03 6.56
CA ALA B 446 32.91 2.90 5.53
C ALA B 446 32.63 4.30 6.07
N LEU B 447 32.09 4.37 7.29
CA LEU B 447 31.82 5.64 7.96
C LEU B 447 33.10 6.45 8.22
N VAL B 448 34.16 5.75 8.65
CA VAL B 448 35.47 6.38 8.88
C VAL B 448 35.99 6.99 7.58
N LYS B 449 35.92 6.21 6.50
CA LYS B 449 36.32 6.64 5.15
C LYS B 449 35.52 7.86 4.68
N TRP B 450 34.22 7.87 4.96
CA TRP B 450 33.34 8.98 4.57
C TRP B 450 33.59 10.25 5.40
N VAL B 451 33.79 10.08 6.70
CA VAL B 451 34.04 11.22 7.61
C VAL B 451 35.41 11.84 7.38
N GLU B 452 36.46 11.01 7.43
CA GLU B 452 37.85 11.50 7.37
C GLU B 452 38.31 11.80 5.94
N GLU B 453 38.15 10.82 5.06
CA GLU B 453 38.65 10.92 3.68
C GLU B 453 37.64 11.53 2.68
N GLY B 454 36.41 11.81 3.13
CA GLY B 454 35.39 12.43 2.26
C GLY B 454 34.94 11.57 1.10
N GLN B 455 35.03 10.25 1.25
CA GLN B 455 34.74 9.30 0.17
C GLN B 455 33.53 8.45 0.58
N ALA B 456 32.37 8.80 0.01
CA ALA B 456 31.09 8.23 0.41
C ALA B 456 30.90 6.80 -0.09
N PRO B 457 30.16 5.96 0.67
CA PRO B 457 29.84 4.62 0.20
C PRO B 457 28.70 4.67 -0.82
N GLU B 458 28.98 4.18 -2.04
CA GLU B 458 27.94 4.08 -3.07
C GLU B 458 27.05 2.87 -2.77
N THR B 459 27.68 1.79 -2.33
CA THR B 459 26.99 0.61 -1.81
C THR B 459 27.62 0.18 -0.49
N ILE B 460 26.98 -0.78 0.17
CA ILE B 460 27.60 -1.50 1.29
C ILE B 460 27.52 -2.99 0.98
N THR B 461 28.67 -3.66 0.96
CA THR B 461 28.75 -5.07 0.60
C THR B 461 28.40 -5.94 1.81
N GLY B 462 27.50 -6.90 1.59
CA GLY B 462 27.19 -7.95 2.56
C GLY B 462 27.72 -9.27 2.04
N VAL B 463 27.91 -10.23 2.97
CA VAL B 463 28.37 -11.58 2.61
C VAL B 463 27.65 -12.66 3.41
N ARG B 464 27.64 -13.87 2.85
CA ARG B 464 27.22 -15.06 3.56
C ARG B 464 28.27 -16.15 3.35
N TYR B 465 28.73 -16.74 4.44
CA TYR B 465 29.68 -17.86 4.40
C TYR B 465 28.90 -19.17 4.33
N VAL B 466 29.61 -20.27 4.06
CA VAL B 466 28.99 -21.59 3.85
C VAL B 466 28.24 -22.05 5.11
N ASN B 467 27.04 -22.60 4.91
CA ASN B 467 26.13 -23.04 5.99
C ASN B 467 25.68 -21.91 6.94
N GLY B 468 25.73 -20.66 6.47
CA GLY B 468 25.44 -19.48 7.32
C GLY B 468 26.36 -19.37 8.53
N ALA B 469 27.63 -19.71 8.34
CA ALA B 469 28.60 -19.79 9.44
C ALA B 469 29.25 -18.43 9.73
N THR B 470 30.00 -18.38 10.82
CA THR B 470 30.76 -17.19 11.22
C THR B 470 31.94 -16.93 10.29
N THR B 471 32.56 -17.99 9.78
CA THR B 471 33.71 -17.89 8.89
C THR B 471 33.71 -19.00 7.83
N GLY B 472 34.70 -18.97 6.94
CA GLY B 472 34.87 -19.98 5.88
C GLY B 472 34.84 -19.36 4.49
N LYS B 473 34.49 -20.18 3.49
CA LYS B 473 34.38 -19.72 2.11
C LYS B 473 33.12 -18.89 1.91
N VAL B 474 33.18 -17.92 1.00
CA VAL B 474 32.06 -17.03 0.71
C VAL B 474 31.06 -17.72 -0.22
N GLU B 475 29.84 -17.93 0.27
CA GLU B 475 28.76 -18.55 -0.52
C GLU B 475 28.09 -17.49 -1.40
N VAL B 476 27.60 -16.42 -0.78
CA VAL B 476 26.92 -15.32 -1.48
C VAL B 476 27.56 -13.99 -1.09
N GLU B 477 27.69 -13.09 -2.07
CA GLU B 477 28.13 -11.71 -1.84
C GLU B 477 27.33 -10.77 -2.73
N ARG B 478 26.94 -9.61 -2.19
CA ARG B 478 26.10 -8.64 -2.89
C ARG B 478 26.33 -7.22 -2.42
N ARG B 479 26.40 -6.29 -3.36
CA ARG B 479 26.54 -4.86 -3.07
C ARG B 479 25.14 -4.27 -2.90
N HIS B 480 24.77 -3.97 -1.66
CA HIS B 480 23.43 -3.51 -1.31
C HIS B 480 23.28 -2.02 -1.64
N CYS B 481 22.14 -1.66 -2.22
CA CYS B 481 21.95 -0.35 -2.83
C CYS B 481 21.43 0.66 -1.82
N ARG B 482 21.76 1.93 -2.02
CA ARG B 482 21.19 3.02 -1.24
C ARG B 482 19.84 3.44 -1.84
N TYR B 483 18.88 3.75 -0.98
CA TYR B 483 17.55 4.20 -1.43
C TYR B 483 17.71 5.57 -2.12
N PRO B 484 16.99 5.84 -3.23
CA PRO B 484 15.91 5.02 -3.78
C PRO B 484 16.30 4.02 -4.89
N TYR B 485 17.57 3.58 -4.95
CA TYR B 485 18.01 2.64 -5.99
C TYR B 485 17.47 1.23 -5.70
N ARG B 486 17.16 0.50 -6.77
CA ARG B 486 16.71 -0.89 -6.69
C ARG B 486 17.83 -1.79 -7.22
N ASN B 487 18.04 -2.94 -6.58
CA ASN B 487 19.06 -3.90 -7.02
C ASN B 487 18.44 -4.79 -8.10
N VAL B 488 19.00 -4.71 -9.31
CA VAL B 488 18.47 -5.42 -10.47
C VAL B 488 19.49 -6.45 -10.95
N TRP B 489 19.06 -7.70 -11.03
CA TRP B 489 19.88 -8.79 -11.58
C TRP B 489 19.94 -8.66 -13.10
N ASP B 490 21.14 -8.81 -13.67
CA ASP B 490 21.36 -8.56 -15.12
C ASP B 490 20.82 -9.64 -16.08
N ARG B 491 20.32 -10.76 -15.52
CA ARG B 491 19.67 -11.86 -16.26
C ARG B 491 20.64 -12.75 -17.05
N LYS B 492 21.95 -12.64 -16.78
CA LYS B 492 22.99 -13.38 -17.50
C LYS B 492 23.92 -14.11 -16.54
N GLY B 493 24.63 -13.35 -15.69
CA GLY B 493 25.57 -13.92 -14.72
C GLY B 493 24.90 -14.65 -13.57
N ASN B 494 25.70 -15.40 -12.82
CA ASN B 494 25.21 -16.16 -11.66
C ASN B 494 24.82 -15.18 -10.55
N TYR B 495 23.66 -15.41 -9.94
CA TYR B 495 23.13 -14.51 -8.90
C TYR B 495 23.95 -14.46 -7.61
N LYS B 496 24.80 -15.47 -7.39
CA LYS B 496 25.74 -15.49 -6.26
C LYS B 496 26.83 -14.43 -6.39
N ASN B 497 27.21 -14.11 -7.62
CA ASN B 497 28.26 -13.13 -7.91
C ASN B 497 27.75 -11.70 -7.69
N PRO B 498 28.56 -10.82 -7.04
CA PRO B 498 28.22 -9.39 -6.93
C PRO B 498 28.08 -8.65 -8.27
N ASP B 499 28.89 -9.02 -9.26
CA ASP B 499 28.93 -8.33 -10.55
C ASP B 499 27.67 -8.55 -11.42
N SER B 500 26.92 -9.61 -11.12
CA SER B 500 25.65 -9.88 -11.80
C SER B 500 24.51 -8.92 -11.44
N TRP B 501 24.65 -8.17 -10.35
CA TRP B 501 23.66 -7.18 -9.92
C TRP B 501 24.14 -5.75 -10.19
N LYS B 502 23.18 -4.83 -10.32
CA LYS B 502 23.48 -3.40 -10.42
C LYS B 502 22.37 -2.56 -9.81
N CYS B 503 22.76 -1.43 -9.21
CA CYS B 503 21.83 -0.52 -8.56
C CYS B 503 21.23 0.40 -9.62
N GLU B 504 19.91 0.34 -9.80
CA GLU B 504 19.21 1.08 -10.85
C GLU B 504 18.31 2.18 -10.29
N LEU B 505 18.36 3.36 -10.90
CA LEU B 505 17.45 4.47 -10.60
C LEU B 505 17.21 5.26 -11.89
N PRO B 506 16.17 4.88 -12.67
CA PRO B 506 15.86 5.57 -13.93
C PRO B 506 15.52 7.05 -13.75
N LEU B 507 16.23 7.91 -14.49
CA LEU B 507 15.91 9.34 -14.56
C LEU B 507 15.07 9.66 -15.80
N GLU B 508 15.31 8.94 -16.90
CA GLU B 508 14.47 8.99 -18.10
C GLU B 508 14.34 7.59 -18.72
#